data_8ZI6
#
_entry.id   8ZI6
#
_cell.length_a   111.780
_cell.length_b   111.780
_cell.length_c   91.770
_cell.angle_alpha   90.00
_cell.angle_beta   90.00
_cell.angle_gamma   120.00
#
_symmetry.space_group_name_H-M   'P 31'
#
loop_
_entity.id
_entity.type
_entity.pdbx_description
1 polymer 'UGT-glycosyltransferase 76G4'
2 non-polymer "URIDINE-5'-DIPHOSPHATE-GLUCOSE"
3 non-polymer 'ISOPROPYL ALCOHOL'
4 non-polymer 'PHOSPHATE ION'
5 water water
#
_entity_poly.entity_id   1
_entity_poly.type   'polypeptide(L)'
_entity_poly.pdbx_seq_one_letter_code
;MENKTETTVRRRRRIILFPVPFQGHINPMLQLANVLYSKGFSITIFHTNFNKPKTSNYPHFTFRFILDNDPQDERISNLP
THGPLAGMRIPIINEHGADELRRELELLMLASEEDEEVSCLITDALWYFAQSVADSLNLRRLVLMTSSLFNFHAHVSLPQ
FDELGYLDPDDKTRLEEQASGFPMLKVKDIQFGFSNWKQGKEIFENITKQTKASSGVIWNSFKELEESELETVIREIPAP
SFLIPLPKHLTASSSSLLDHDRTVFPWLDQQPSRSVLYVSFGSATEVDEKDFLEIARGLVDSKQSFLWVVRPGFVKGSTW
VEPLPDGFLGERGRIVKWVPQQEVLAHGAIGAFWTHSGWNSTLESVCEGVPMIFSDFGLDQPLNARYMSDVLKVGVYLEN
GWERGEIANAIRRVMVDEEGEYIRQNARVLKQKADVSLMKGGSSYESLESLVSYISSL
;
_entity_poly.pdbx_strand_id   A,B,C
#
loop_
_chem_comp.id
_chem_comp.type
_chem_comp.name
_chem_comp.formula
IPA non-polymer 'ISOPROPYL ALCOHOL' 'C3 H8 O'
PO4 non-polymer 'PHOSPHATE ION' 'O4 P -3'
UPG non-polymer URIDINE-5'-DIPHOSPHATE-GLUCOSE 'C15 H24 N2 O17 P2'
#
# COMPACT_ATOMS: atom_id res chain seq x y z
N ARG A 12 -43.81 16.91 -36.93
CA ARG A 12 -43.18 15.79 -36.17
C ARG A 12 -41.69 15.76 -36.46
N ARG A 13 -40.86 15.65 -35.41
CA ARG A 13 -39.44 15.90 -35.51
C ARG A 13 -38.66 14.96 -34.58
N ARG A 14 -37.59 14.36 -35.11
CA ARG A 14 -36.85 13.35 -34.37
C ARG A 14 -35.60 13.97 -33.77
N ILE A 15 -35.44 13.78 -32.46
CA ILE A 15 -34.16 13.96 -31.81
C ILE A 15 -33.46 12.61 -31.78
N ILE A 16 -32.14 12.65 -32.04
CA ILE A 16 -31.27 11.51 -31.83
C ILE A 16 -30.46 11.77 -30.57
N LEU A 17 -30.61 10.89 -29.58
CA LEU A 17 -29.81 11.00 -28.39
C LEU A 17 -28.72 9.93 -28.54
N PHE A 18 -27.61 10.10 -27.82
CA PHE A 18 -26.52 9.14 -27.89
C PHE A 18 -25.77 9.14 -26.57
N PRO A 19 -26.31 8.48 -25.52
CA PRO A 19 -25.64 8.36 -24.24
C PRO A 19 -24.23 7.80 -24.32
N VAL A 20 -23.57 7.82 -23.16
CA VAL A 20 -22.38 7.06 -22.89
C VAL A 20 -22.80 5.93 -21.95
N PRO A 21 -22.50 4.65 -22.27
CA PRO A 21 -23.18 3.53 -21.64
C PRO A 21 -22.62 3.21 -20.25
N PHE A 22 -22.65 4.20 -19.36
CA PHE A 22 -22.30 4.02 -17.96
C PHE A 22 -23.38 4.73 -17.15
N GLN A 23 -23.81 4.11 -16.04
CA GLN A 23 -25.03 4.51 -15.36
C GLN A 23 -25.13 6.03 -15.24
N GLY A 24 -24.03 6.68 -14.85
CA GLY A 24 -24.07 8.11 -14.56
C GLY A 24 -24.35 8.94 -15.80
N HIS A 25 -24.33 8.31 -16.98
CA HIS A 25 -24.54 8.99 -18.25
C HIS A 25 -25.89 8.57 -18.84
N ILE A 26 -26.16 7.27 -18.82
CA ILE A 26 -27.47 6.73 -19.17
C ILE A 26 -28.53 7.48 -18.38
N ASN A 27 -28.39 7.45 -17.05
CA ASN A 27 -29.41 8.01 -16.18
C ASN A 27 -29.82 9.37 -16.72
N PRO A 28 -28.94 10.40 -16.73
CA PRO A 28 -29.34 11.72 -17.21
C PRO A 28 -29.88 11.68 -18.64
N MET A 29 -29.19 10.97 -19.55
CA MET A 29 -29.50 11.11 -20.96
C MET A 29 -30.93 10.68 -21.22
N LEU A 30 -31.44 9.66 -20.53
CA LEU A 30 -32.78 9.16 -20.82
C LEU A 30 -33.84 10.01 -20.10
N GLN A 31 -33.55 10.50 -18.89
CA GLN A 31 -34.40 11.50 -18.27
C GLN A 31 -34.68 12.64 -19.25
N LEU A 32 -33.62 13.18 -19.88
CA LEU A 32 -33.76 14.22 -20.89
C LEU A 32 -34.62 13.72 -22.04
N ALA A 33 -34.43 12.44 -22.40
CA ALA A 33 -35.21 11.83 -23.47
C ALA A 33 -36.70 11.91 -23.14
N ASN A 34 -37.06 11.57 -21.90
CA ASN A 34 -38.44 11.54 -21.44
C ASN A 34 -39.08 12.92 -21.43
N VAL A 35 -38.30 13.93 -20.97
CA VAL A 35 -38.75 15.32 -20.93
C VAL A 35 -39.02 15.84 -22.33
N LEU A 36 -38.26 15.36 -23.32
CA LEU A 36 -38.31 15.86 -24.69
C LEU A 36 -39.46 15.20 -25.46
N TYR A 37 -39.70 13.92 -25.19
CA TYR A 37 -40.88 13.26 -25.70
C TYR A 37 -42.13 13.97 -25.21
N SER A 38 -42.15 14.33 -23.91
CA SER A 38 -43.26 15.11 -23.37
C SER A 38 -43.65 16.22 -24.33
N LYS A 39 -42.68 16.99 -24.81
CA LYS A 39 -42.94 18.27 -25.46
C LYS A 39 -43.13 18.09 -26.96
N GLY A 40 -43.16 16.84 -27.45
CA GLY A 40 -43.69 16.57 -28.79
C GLY A 40 -42.81 15.72 -29.72
N PHE A 41 -41.54 15.48 -29.35
CA PHE A 41 -40.57 14.97 -30.33
C PHE A 41 -40.53 13.43 -30.40
N SER A 42 -40.33 12.92 -31.61
CA SER A 42 -39.96 11.54 -31.83
C SER A 42 -38.57 11.32 -31.22
N ILE A 43 -38.28 10.12 -30.70
CA ILE A 43 -37.06 9.96 -29.94
C ILE A 43 -36.39 8.64 -30.29
N THR A 44 -35.29 8.78 -31.02
CA THR A 44 -34.37 7.69 -31.31
C THR A 44 -33.15 7.79 -30.40
N ILE A 45 -32.69 6.64 -29.92
CA ILE A 45 -31.57 6.55 -29.01
C ILE A 45 -30.50 5.65 -29.63
N PHE A 46 -29.29 6.20 -29.77
CA PHE A 46 -28.11 5.42 -30.13
C PHE A 46 -27.48 4.89 -28.84
N HIS A 47 -27.07 3.62 -28.86
CA HIS A 47 -26.49 2.99 -27.67
C HIS A 47 -25.70 1.76 -28.10
N THR A 48 -24.50 1.58 -27.55
CA THR A 48 -23.77 0.35 -27.77
C THR A 48 -24.61 -0.81 -27.22
N ASN A 49 -24.23 -2.04 -27.60
CA ASN A 49 -24.87 -3.21 -27.02
C ASN A 49 -24.31 -3.48 -25.63
N PHE A 50 -23.17 -2.86 -25.33
CA PHE A 50 -22.57 -2.92 -23.99
C PHE A 50 -23.38 -2.05 -23.03
N ASN A 51 -23.73 -2.65 -21.87
CA ASN A 51 -24.43 -1.96 -20.81
C ASN A 51 -25.80 -1.47 -21.30
N LYS A 52 -26.43 -2.23 -22.19
CA LYS A 52 -27.66 -1.74 -22.79
C LYS A 52 -28.75 -1.70 -21.73
N PRO A 53 -29.49 -0.59 -21.63
CA PRO A 53 -30.61 -0.50 -20.68
C PRO A 53 -31.81 -1.32 -21.15
N LYS A 54 -32.75 -1.60 -20.24
CA LYS A 54 -33.92 -2.41 -20.58
C LYS A 54 -34.86 -1.60 -21.47
N THR A 55 -35.13 -2.12 -22.67
CA THR A 55 -35.82 -1.38 -23.71
C THR A 55 -37.34 -1.44 -23.52
N SER A 56 -37.83 -2.53 -22.92
CA SER A 56 -39.25 -2.64 -22.63
C SER A 56 -39.73 -1.53 -21.68
N ASN A 57 -38.77 -0.91 -20.95
CA ASN A 57 -39.03 0.20 -20.05
C ASN A 57 -39.41 1.47 -20.81
N TYR A 58 -39.03 1.53 -22.09
CA TYR A 58 -39.09 2.77 -22.85
C TYR A 58 -39.89 2.55 -24.12
N PRO A 59 -41.19 2.20 -24.00
CA PRO A 59 -41.95 1.71 -25.13
C PRO A 59 -42.17 2.75 -26.22
N HIS A 60 -41.91 4.03 -25.86
CA HIS A 60 -42.17 5.15 -26.74
C HIS A 60 -40.90 5.63 -27.42
N PHE A 61 -39.75 5.04 -27.07
CA PHE A 61 -38.52 5.37 -27.75
C PHE A 61 -38.11 4.24 -28.68
N THR A 62 -37.73 4.61 -29.92
CA THR A 62 -37.02 3.72 -30.83
C THR A 62 -35.54 3.64 -30.43
N PHE A 63 -34.98 2.42 -30.52
CA PHE A 63 -33.63 2.13 -30.07
C PHE A 63 -32.80 1.61 -31.24
N ARG A 64 -31.58 2.13 -31.36
CA ARG A 64 -30.60 1.63 -32.32
C ARG A 64 -29.29 1.29 -31.59
N PHE A 65 -28.85 0.05 -31.76
CA PHE A 65 -27.59 -0.38 -31.23
C PHE A 65 -26.54 -0.18 -32.31
N ILE A 66 -25.35 0.27 -31.90
CA ILE A 66 -24.31 0.63 -32.85
C ILE A 66 -22.94 0.36 -32.24
N LEU A 67 -21.90 0.43 -33.08
CA LEU A 67 -20.50 0.43 -32.67
C LEU A 67 -20.04 -0.96 -32.23
N ASP A 68 -20.97 -1.87 -31.94
CA ASP A 68 -20.58 -3.19 -31.46
C ASP A 68 -21.62 -4.26 -31.81
N ASN A 69 -22.41 -4.02 -32.87
CA ASN A 69 -23.20 -5.10 -33.45
C ASN A 69 -22.24 -6.04 -34.17
N ASP A 70 -22.27 -7.32 -33.78
CA ASP A 70 -21.22 -8.28 -34.09
C ASP A 70 -21.03 -8.39 -35.61
N PRO A 84 -14.16 0.42 -14.17
CA PRO A 84 -13.17 1.45 -14.45
C PRO A 84 -12.29 1.12 -15.67
N LEU A 85 -11.91 -0.15 -15.81
CA LEU A 85 -11.14 -0.62 -16.95
C LEU A 85 -12.00 -0.64 -18.21
N ALA A 86 -13.34 -0.64 -18.03
CA ALA A 86 -14.28 -0.71 -19.14
C ALA A 86 -14.48 0.66 -19.78
N GLY A 87 -13.96 1.72 -19.16
CA GLY A 87 -14.16 3.08 -19.65
C GLY A 87 -13.17 3.47 -20.76
N MET A 88 -12.43 2.50 -21.30
CA MET A 88 -11.55 2.73 -22.43
C MET A 88 -12.36 2.75 -23.74
N ARG A 89 -13.57 2.18 -23.73
CA ARG A 89 -14.44 2.22 -24.89
C ARG A 89 -14.60 3.65 -25.39
N ILE A 90 -14.56 4.61 -24.46
CA ILE A 90 -14.77 6.02 -24.74
C ILE A 90 -13.75 6.51 -25.76
N PRO A 91 -12.43 6.50 -25.43
CA PRO A 91 -11.39 6.86 -26.41
C PRO A 91 -11.35 5.96 -27.64
N ILE A 92 -11.61 4.65 -27.46
CA ILE A 92 -11.57 3.71 -28.58
C ILE A 92 -12.71 4.05 -29.53
N ILE A 93 -13.87 4.44 -29.00
CA ILE A 93 -15.00 4.78 -29.84
C ILE A 93 -14.71 6.10 -30.56
N ASN A 94 -14.23 7.10 -29.82
CA ASN A 94 -13.95 8.40 -30.39
C ASN A 94 -13.21 8.32 -31.72
N GLU A 95 -12.13 7.53 -31.78
CA GLU A 95 -11.27 7.55 -32.95
C GLU A 95 -11.83 6.62 -34.02
N HIS A 96 -12.46 5.52 -33.62
CA HIS A 96 -12.82 4.47 -34.56
C HIS A 96 -14.33 4.47 -34.89
N GLY A 97 -15.10 5.37 -34.28
CA GLY A 97 -16.56 5.36 -34.41
C GLY A 97 -17.04 6.25 -35.54
N ALA A 98 -16.24 7.27 -35.91
CA ALA A 98 -16.73 8.35 -36.76
C ALA A 98 -17.55 7.83 -37.93
N ASP A 99 -16.99 6.87 -38.68
CA ASP A 99 -17.52 6.44 -39.97
C ASP A 99 -18.75 5.56 -39.76
N GLU A 100 -18.85 4.94 -38.58
CA GLU A 100 -19.99 4.10 -38.26
C GLU A 100 -21.13 4.99 -37.79
N LEU A 101 -20.81 6.02 -37.02
CA LEU A 101 -21.82 6.96 -36.55
C LEU A 101 -22.44 7.66 -37.76
N ARG A 102 -21.62 8.05 -38.74
CA ARG A 102 -22.08 8.85 -39.87
C ARG A 102 -23.06 8.02 -40.69
N ARG A 103 -22.76 6.72 -40.86
CA ARG A 103 -23.55 5.84 -41.70
C ARG A 103 -24.99 5.80 -41.19
N GLU A 104 -25.14 5.37 -39.93
CA GLU A 104 -26.43 5.18 -39.27
C GLU A 104 -27.23 6.48 -39.25
N LEU A 105 -26.57 7.61 -38.99
CA LEU A 105 -27.20 8.92 -39.11
C LEU A 105 -27.88 9.07 -40.46
N GLU A 106 -27.10 8.90 -41.55
CA GLU A 106 -27.58 9.09 -42.91
C GLU A 106 -28.73 8.14 -43.23
N LEU A 107 -28.57 6.87 -42.83
CA LEU A 107 -29.65 5.90 -42.90
C LEU A 107 -30.92 6.56 -42.36
N LEU A 108 -30.82 7.05 -41.13
CA LEU A 108 -31.99 7.45 -40.38
C LEU A 108 -32.56 8.71 -41.02
N MET A 109 -31.69 9.63 -41.44
CA MET A 109 -32.10 10.82 -42.15
C MET A 109 -32.82 10.46 -43.45
N LEU A 110 -32.30 9.46 -44.17
CA LEU A 110 -32.92 8.99 -45.40
C LEU A 110 -34.33 8.47 -45.11
N ALA A 111 -34.41 7.33 -44.40
CA ALA A 111 -35.64 6.56 -44.24
C ALA A 111 -36.76 7.44 -43.65
N SER A 112 -36.38 8.43 -42.83
CA SER A 112 -37.30 9.42 -42.29
C SER A 112 -38.32 9.85 -43.33
N GLU A 113 -39.60 9.63 -43.03
CA GLU A 113 -40.71 10.06 -43.89
C GLU A 113 -40.60 11.56 -44.20
N GLU A 114 -41.33 11.98 -45.23
CA GLU A 114 -41.57 13.38 -45.52
C GLU A 114 -41.93 14.13 -44.23
N ASP A 115 -42.72 13.48 -43.37
CA ASP A 115 -43.21 14.07 -42.14
C ASP A 115 -42.57 13.38 -40.93
N GLU A 116 -41.23 13.40 -40.85
CA GLU A 116 -40.51 13.10 -39.62
C GLU A 116 -39.01 13.40 -39.75
N GLU A 117 -38.67 14.64 -40.15
CA GLU A 117 -37.28 15.05 -40.30
C GLU A 117 -36.56 15.02 -38.95
N VAL A 118 -35.26 14.71 -38.98
CA VAL A 118 -34.45 14.75 -37.78
C VAL A 118 -34.02 16.19 -37.53
N SER A 119 -34.48 16.76 -36.40
CA SER A 119 -34.14 18.13 -36.03
C SER A 119 -32.69 18.23 -35.54
N CYS A 120 -32.22 17.23 -34.77
CA CYS A 120 -30.91 17.36 -34.16
C CYS A 120 -30.46 16.09 -33.46
N LEU A 121 -29.14 15.99 -33.26
CA LEU A 121 -28.53 14.96 -32.44
C LEU A 121 -28.12 15.55 -31.08
N ILE A 122 -28.18 14.75 -30.02
CA ILE A 122 -27.83 15.19 -28.67
C ILE A 122 -26.99 14.12 -27.99
N THR A 123 -25.68 14.38 -27.85
CA THR A 123 -24.76 13.39 -27.33
C THR A 123 -24.27 13.79 -25.94
N ASP A 124 -23.59 12.85 -25.27
CA ASP A 124 -22.77 13.17 -24.13
C ASP A 124 -21.64 14.06 -24.63
N ALA A 125 -20.99 14.79 -23.71
CA ALA A 125 -19.88 15.65 -24.06
C ALA A 125 -18.70 14.82 -24.53
N LEU A 126 -18.46 13.72 -23.82
CA LEU A 126 -17.30 12.86 -24.06
C LEU A 126 -17.31 12.35 -25.50
N TRP A 127 -18.46 12.38 -26.19
CA TRP A 127 -18.48 12.09 -27.61
C TRP A 127 -18.05 13.35 -28.38
N TYR A 128 -16.80 13.74 -28.17
CA TYR A 128 -16.27 14.97 -28.73
C TYR A 128 -16.14 14.82 -30.25
N PHE A 129 -16.24 13.59 -30.78
CA PHE A 129 -16.03 13.31 -32.20
C PHE A 129 -17.34 13.31 -32.99
N ALA A 130 -18.49 13.36 -32.31
CA ALA A 130 -19.75 13.45 -33.03
C ALA A 130 -19.82 14.76 -33.79
N GLN A 131 -19.09 15.77 -33.32
CA GLN A 131 -19.23 17.13 -33.84
C GLN A 131 -18.65 17.21 -35.26
N SER A 132 -17.62 16.40 -35.53
CA SER A 132 -17.09 16.28 -36.88
C SER A 132 -18.09 15.51 -37.73
N VAL A 133 -18.58 14.38 -37.20
CA VAL A 133 -19.55 13.56 -37.92
C VAL A 133 -20.77 14.41 -38.30
N ALA A 134 -21.34 15.10 -37.31
CA ALA A 134 -22.49 15.97 -37.53
C ALA A 134 -22.13 17.08 -38.50
N ASP A 135 -21.04 17.80 -38.19
CA ASP A 135 -20.47 18.80 -39.09
C ASP A 135 -20.50 18.23 -40.51
N SER A 136 -19.84 17.09 -40.71
CA SER A 136 -19.76 16.43 -42.00
C SER A 136 -21.15 16.26 -42.60
N LEU A 137 -22.14 15.93 -41.78
CA LEU A 137 -23.50 15.78 -42.29
C LEU A 137 -24.23 17.11 -42.40
N ASN A 138 -23.87 18.09 -41.55
CA ASN A 138 -24.50 19.41 -41.49
C ASN A 138 -25.65 19.41 -40.49
N LEU A 139 -26.07 18.23 -40.06
CA LEU A 139 -26.86 18.10 -38.85
C LEU A 139 -26.15 18.92 -37.75
N ARG A 140 -26.94 19.54 -36.85
CA ARG A 140 -26.39 20.32 -35.76
C ARG A 140 -26.47 19.49 -34.48
N ARG A 141 -25.43 19.59 -33.66
CA ARG A 141 -25.27 18.73 -32.50
C ARG A 141 -25.44 19.60 -31.25
N LEU A 142 -26.26 19.13 -30.30
CA LEU A 142 -26.34 19.75 -29.00
C LEU A 142 -25.60 18.85 -28.02
N VAL A 143 -25.25 19.39 -26.85
CA VAL A 143 -24.47 18.60 -25.91
C VAL A 143 -25.18 18.54 -24.56
N LEU A 144 -25.17 17.32 -23.99
CA LEU A 144 -25.69 17.04 -22.67
C LEU A 144 -24.49 16.98 -21.73
N MET A 145 -24.44 17.90 -20.76
CA MET A 145 -23.35 18.00 -19.80
C MET A 145 -23.75 17.30 -18.51
N THR A 146 -23.17 16.12 -18.25
CA THR A 146 -23.62 15.28 -17.14
C THR A 146 -22.95 15.75 -15.86
N SER A 147 -21.96 16.64 -15.99
CA SER A 147 -21.36 17.28 -14.83
C SER A 147 -21.65 18.77 -14.88
N SER A 148 -21.04 19.49 -13.94
CA SER A 148 -21.49 20.80 -13.53
C SER A 148 -20.71 21.91 -14.25
N LEU A 149 -21.22 23.15 -14.14
CA LEU A 149 -20.64 24.32 -14.79
C LEU A 149 -19.23 24.51 -14.24
N PHE A 150 -19.13 24.33 -12.92
CA PHE A 150 -17.88 24.32 -12.19
C PHE A 150 -16.92 23.31 -12.80
N ASN A 151 -17.39 22.08 -13.02
CA ASN A 151 -16.55 21.07 -13.65
C ASN A 151 -15.93 21.67 -14.91
N PHE A 152 -16.79 22.31 -15.70
CA PHE A 152 -16.41 22.82 -17.01
C PHE A 152 -15.56 24.09 -16.88
N HIS A 153 -15.69 24.84 -15.77
CA HIS A 153 -14.68 25.84 -15.46
C HIS A 153 -13.31 25.18 -15.34
N ALA A 154 -13.23 24.15 -14.50
CA ALA A 154 -11.96 23.47 -14.28
C ALA A 154 -11.29 23.17 -15.63
N HIS A 155 -12.02 22.53 -16.53
CA HIS A 155 -11.42 22.06 -17.77
C HIS A 155 -11.00 23.24 -18.65
N VAL A 156 -11.71 24.37 -18.50
CA VAL A 156 -11.45 25.54 -19.31
C VAL A 156 -10.09 26.12 -18.94
N SER A 157 -9.82 26.19 -17.63
CA SER A 157 -8.61 26.78 -17.09
C SER A 157 -7.53 25.72 -16.82
N LEU A 158 -7.48 24.67 -17.66
CA LEU A 158 -6.50 23.61 -17.49
C LEU A 158 -5.13 24.07 -17.99
N PRO A 159 -5.01 24.72 -19.17
CA PRO A 159 -3.75 25.34 -19.57
C PRO A 159 -3.24 26.43 -18.61
N GLN A 160 -4.13 26.98 -17.78
CA GLN A 160 -3.73 27.85 -16.69
C GLN A 160 -3.19 27.03 -15.50
N PHE A 161 -3.58 25.75 -15.44
CA PHE A 161 -3.19 24.87 -14.34
C PHE A 161 -1.92 24.08 -14.65
N ASP A 162 -1.57 23.96 -15.95
CA ASP A 162 -0.32 23.34 -16.36
C ASP A 162 0.85 24.23 -15.92
N GLU A 163 0.69 25.54 -16.12
CA GLU A 163 1.71 26.54 -15.81
C GLU A 163 2.19 26.36 -14.38
N LEU A 164 1.26 26.46 -13.42
CA LEU A 164 1.59 26.44 -12.01
C LEU A 164 2.00 25.03 -11.57
N GLY A 165 1.85 24.05 -12.46
CA GLY A 165 2.35 22.69 -12.22
C GLY A 165 1.40 21.94 -11.29
N TYR A 166 0.14 22.37 -11.26
CA TYR A 166 -0.92 21.64 -10.57
C TYR A 166 -1.15 20.32 -11.28
N LEU A 167 -0.87 20.30 -12.59
CA LEU A 167 -0.99 19.10 -13.40
C LEU A 167 0.27 18.23 -13.25
N ASP A 168 1.37 18.83 -12.75
CA ASP A 168 2.57 18.11 -12.39
C ASP A 168 2.38 17.43 -11.04
N PRO A 169 2.36 16.07 -10.96
CA PRO A 169 2.27 15.35 -9.68
C PRO A 169 3.59 14.84 -9.10
N ASP A 170 4.72 15.44 -9.51
CA ASP A 170 6.04 14.99 -9.11
C ASP A 170 6.38 15.54 -7.73
N ASP A 171 6.41 16.89 -7.62
CA ASP A 171 6.72 17.56 -6.37
C ASP A 171 5.57 17.34 -5.39
N LYS A 172 4.81 18.40 -5.08
CA LYS A 172 3.73 18.31 -4.11
C LYS A 172 2.71 19.43 -4.32
N THR A 173 1.57 19.29 -3.64
CA THR A 173 0.57 20.34 -3.54
C THR A 173 0.57 20.89 -2.13
N ARG A 174 0.26 22.19 -2.03
CA ARG A 174 0.45 22.94 -0.80
C ARG A 174 -0.72 22.64 0.13
N LEU A 175 -0.52 22.86 1.44
CA LEU A 175 -1.43 22.35 2.46
C LEU A 175 -2.63 23.28 2.64
N GLU A 176 -3.79 22.81 2.18
CA GLU A 176 -5.06 23.52 2.28
C GLU A 176 -4.91 24.93 1.71
N GLU A 177 -4.40 24.99 0.47
CA GLU A 177 -3.82 26.21 -0.07
C GLU A 177 -4.40 26.52 -1.46
N GLN A 178 -4.81 27.78 -1.63
CA GLN A 178 -5.68 28.19 -2.72
C GLN A 178 -4.87 28.43 -4.00
N ALA A 179 -5.45 28.02 -5.14
CA ALA A 179 -4.72 27.91 -6.40
C ALA A 179 -4.44 29.30 -6.98
N SER A 180 -5.44 29.92 -7.61
CA SER A 180 -5.22 31.15 -8.33
C SER A 180 -6.55 31.85 -8.65
N GLY A 181 -6.50 33.19 -8.73
CA GLY A 181 -7.64 34.00 -9.13
C GLY A 181 -8.67 34.14 -8.01
N PHE A 182 -9.72 33.31 -8.08
CA PHE A 182 -10.78 33.24 -7.09
C PHE A 182 -10.93 31.79 -6.63
N PRO A 183 -9.92 31.23 -5.91
CA PRO A 183 -9.79 29.78 -5.75
C PRO A 183 -10.73 29.18 -4.70
N MET A 184 -11.98 28.94 -5.12
CA MET A 184 -12.93 28.15 -4.34
C MET A 184 -12.37 26.74 -4.18
N LEU A 185 -11.62 26.31 -5.19
CA LEU A 185 -10.92 25.04 -5.18
C LEU A 185 -9.65 25.14 -4.33
N LYS A 186 -8.91 24.02 -4.32
CA LYS A 186 -7.56 23.92 -3.81
C LYS A 186 -6.78 23.06 -4.81
N VAL A 187 -5.47 22.93 -4.60
CA VAL A 187 -4.62 22.30 -5.62
C VAL A 187 -4.80 20.79 -5.57
N LYS A 188 -5.25 20.26 -4.43
CA LYS A 188 -5.51 18.83 -4.30
C LYS A 188 -6.69 18.43 -5.19
N ASP A 189 -7.77 19.22 -5.11
CA ASP A 189 -8.96 19.03 -5.91
C ASP A 189 -8.60 18.74 -7.37
N ILE A 190 -7.77 19.62 -7.95
CA ILE A 190 -7.30 19.47 -9.31
C ILE A 190 -6.32 18.29 -9.37
N GLN A 191 -5.36 18.28 -8.45
CA GLN A 191 -4.33 17.25 -8.40
C GLN A 191 -4.95 15.88 -8.58
N PHE A 192 -5.83 15.50 -7.66
CA PHE A 192 -6.51 14.21 -7.72
C PHE A 192 -7.63 14.26 -8.77
N GLY A 193 -8.29 15.41 -8.90
CA GLY A 193 -9.39 15.57 -9.84
C GLY A 193 -8.93 15.64 -11.29
N PHE A 194 -7.62 15.80 -11.49
CA PHE A 194 -7.02 15.68 -12.81
C PHE A 194 -5.77 14.82 -12.67
N SER A 195 -5.96 13.61 -12.14
CA SER A 195 -4.87 12.69 -11.83
C SER A 195 -4.59 11.74 -13.00
N ASN A 196 -5.09 12.09 -14.18
CA ASN A 196 -4.73 11.40 -15.42
C ASN A 196 -3.87 12.34 -16.28
N TRP A 197 -2.85 12.95 -15.67
CA TRP A 197 -1.86 13.71 -16.43
C TRP A 197 -0.97 12.74 -17.21
N LYS A 198 -1.00 11.46 -16.81
CA LYS A 198 -0.39 10.37 -17.56
C LYS A 198 -0.88 10.39 -19.01
N GLN A 199 -2.17 10.61 -19.21
CA GLN A 199 -2.73 10.77 -20.53
C GLN A 199 -2.65 12.25 -20.89
N GLY A 200 -3.17 13.08 -19.97
CA GLY A 200 -3.01 14.52 -20.04
C GLY A 200 -4.23 15.20 -20.67
N LYS A 201 -4.09 16.51 -20.89
CA LYS A 201 -5.18 17.35 -21.37
C LYS A 201 -5.52 17.03 -22.82
N GLU A 202 -4.84 16.03 -23.39
CA GLU A 202 -5.10 15.58 -24.75
C GLU A 202 -6.59 15.32 -24.94
N ILE A 203 -7.21 14.62 -23.98
CA ILE A 203 -8.62 14.26 -24.07
C ILE A 203 -9.46 15.51 -23.80
N PHE A 204 -9.26 16.12 -22.63
CA PHE A 204 -10.12 17.18 -22.13
C PHE A 204 -10.05 18.40 -23.05
N GLU A 205 -8.88 18.61 -23.67
CA GLU A 205 -8.70 19.62 -24.69
C GLU A 205 -9.90 19.64 -25.63
N ASN A 206 -10.19 18.47 -26.20
CA ASN A 206 -11.20 18.35 -27.24
C ASN A 206 -12.60 18.46 -26.63
N ILE A 207 -12.81 17.84 -25.47
CA ILE A 207 -14.12 17.88 -24.83
C ILE A 207 -14.57 19.33 -24.68
N THR A 208 -13.65 20.21 -24.25
CA THR A 208 -13.93 21.62 -24.08
C THR A 208 -14.13 22.28 -25.44
N LYS A 209 -13.17 22.07 -26.35
CA LYS A 209 -13.31 22.47 -27.74
C LYS A 209 -14.66 22.04 -28.29
N GLN A 210 -14.98 20.74 -28.12
CA GLN A 210 -16.09 20.13 -28.83
C GLN A 210 -17.41 20.50 -28.16
N THR A 211 -17.30 21.07 -26.96
CA THR A 211 -18.45 21.65 -26.30
C THR A 211 -18.70 23.05 -26.91
N LYS A 212 -17.65 23.82 -27.13
CA LYS A 212 -17.78 25.20 -27.62
C LYS A 212 -18.19 25.24 -29.10
N ALA A 213 -17.77 24.25 -29.88
CA ALA A 213 -18.05 24.20 -31.29
C ALA A 213 -19.51 23.81 -31.55
N SER A 214 -20.36 23.79 -30.51
CA SER A 214 -21.62 23.10 -30.57
C SER A 214 -22.76 24.09 -30.80
N SER A 215 -23.88 23.55 -31.29
CA SER A 215 -25.07 24.33 -31.62
C SER A 215 -25.85 24.61 -30.34
N GLY A 216 -25.57 23.84 -29.28
CA GLY A 216 -26.15 24.11 -27.97
C GLY A 216 -25.66 23.15 -26.91
N VAL A 217 -25.95 23.48 -25.65
CA VAL A 217 -25.43 22.74 -24.51
C VAL A 217 -26.49 22.75 -23.41
N ILE A 218 -26.99 21.54 -23.07
CA ILE A 218 -27.94 21.36 -21.99
C ILE A 218 -27.15 21.02 -20.74
N TRP A 219 -27.43 21.74 -19.65
CA TRP A 219 -26.79 21.46 -18.37
C TRP A 219 -27.77 20.73 -17.48
N ASN A 220 -27.29 19.63 -16.90
CA ASN A 220 -28.02 19.01 -15.82
C ASN A 220 -27.73 19.80 -14.55
N SER A 221 -28.57 20.83 -14.28
CA SER A 221 -28.56 21.69 -13.10
C SER A 221 -29.69 22.71 -13.18
N PHE A 222 -29.77 23.62 -12.19
CA PHE A 222 -30.69 24.77 -12.24
C PHE A 222 -29.94 26.06 -11.90
N LYS A 223 -30.62 27.21 -11.99
CA LYS A 223 -29.98 28.51 -12.13
C LYS A 223 -29.38 28.99 -10.82
N GLU A 224 -29.99 28.61 -9.69
CA GLU A 224 -29.47 28.96 -8.38
C GLU A 224 -28.33 28.02 -7.98
N LEU A 225 -28.26 26.82 -8.57
CA LEU A 225 -27.27 25.84 -8.16
C LEU A 225 -25.84 26.31 -8.45
N GLU A 226 -25.61 27.10 -9.52
CA GLU A 226 -24.25 27.37 -9.96
C GLU A 226 -24.10 28.78 -10.55
N GLU A 227 -24.75 29.79 -9.93
CA GLU A 227 -24.98 31.05 -10.61
C GLU A 227 -23.68 31.81 -10.87
N SER A 228 -22.62 31.47 -10.14
CA SER A 228 -21.30 32.06 -10.35
C SER A 228 -20.68 31.63 -11.69
N GLU A 229 -20.93 30.39 -12.13
CA GLU A 229 -20.34 29.87 -13.36
C GLU A 229 -21.20 30.16 -14.60
N LEU A 230 -22.33 30.87 -14.46
CA LEU A 230 -23.11 31.23 -15.63
C LEU A 230 -22.24 32.01 -16.61
N GLU A 231 -21.57 33.05 -16.09
CA GLU A 231 -20.65 33.87 -16.85
C GLU A 231 -19.64 33.01 -17.61
N THR A 232 -19.06 32.01 -16.93
CA THR A 232 -18.07 31.16 -17.57
C THR A 232 -18.69 30.48 -18.80
N VAL A 233 -19.98 30.19 -18.71
CA VAL A 233 -20.71 29.51 -19.76
C VAL A 233 -21.13 30.52 -20.82
N ILE A 234 -21.62 31.69 -20.39
CA ILE A 234 -22.07 32.70 -21.35
C ILE A 234 -20.85 33.35 -22.02
N ARG A 235 -19.65 33.15 -21.47
CA ARG A 235 -18.45 33.60 -22.15
C ARG A 235 -18.03 32.61 -23.23
N GLU A 236 -17.79 31.36 -22.82
CA GLU A 236 -17.10 30.38 -23.64
C GLU A 236 -18.00 29.69 -24.66
N ILE A 237 -19.33 29.83 -24.51
CA ILE A 237 -20.23 29.05 -25.35
C ILE A 237 -21.07 30.00 -26.19
N PRO A 238 -20.66 30.25 -27.47
CA PRO A 238 -21.44 31.05 -28.41
C PRO A 238 -22.86 30.51 -28.62
N ALA A 239 -23.02 29.20 -28.46
CA ALA A 239 -24.31 28.58 -28.57
C ALA A 239 -25.08 28.74 -27.25
N PRO A 240 -26.44 28.80 -27.29
CA PRO A 240 -27.24 28.94 -26.09
C PRO A 240 -27.11 27.65 -25.28
N SER A 241 -26.90 27.82 -23.98
CA SER A 241 -26.95 26.73 -23.03
C SER A 241 -28.24 26.88 -22.22
N PHE A 242 -28.83 25.76 -21.77
CA PHE A 242 -30.16 25.73 -21.19
C PHE A 242 -30.12 24.89 -19.91
N LEU A 243 -30.61 25.42 -18.77
CA LEU A 243 -30.28 24.88 -17.45
C LEU A 243 -31.43 24.05 -16.89
N ILE A 244 -31.24 22.72 -16.78
CA ILE A 244 -32.38 21.83 -16.64
C ILE A 244 -32.10 20.74 -15.61
N PRO A 245 -32.75 20.81 -14.43
CA PRO A 245 -32.58 19.79 -13.41
C PRO A 245 -33.49 18.61 -13.69
N LEU A 246 -32.90 17.53 -14.23
CA LEU A 246 -33.61 16.34 -14.68
C LEU A 246 -34.27 15.59 -13.51
N PRO A 247 -33.55 15.28 -12.41
CA PRO A 247 -34.16 14.58 -11.27
C PRO A 247 -35.46 15.22 -10.80
N LYS A 248 -35.49 16.54 -10.90
CA LYS A 248 -36.69 17.27 -10.43
C LYS A 248 -37.80 17.06 -11.46
N HIS A 249 -37.44 16.73 -12.69
CA HIS A 249 -38.43 16.51 -13.73
C HIS A 249 -39.10 15.13 -13.61
N LEU A 250 -38.40 14.15 -13.05
CA LEU A 250 -38.67 12.75 -13.34
C LEU A 250 -37.50 11.94 -12.79
N THR A 251 -37.76 10.71 -12.33
CA THR A 251 -36.72 9.90 -11.72
C THR A 251 -36.13 8.95 -12.75
N ALA A 252 -34.86 8.58 -12.53
CA ALA A 252 -34.10 7.82 -13.50
C ALA A 252 -34.19 6.33 -13.22
N SER A 253 -35.28 5.89 -12.58
CA SER A 253 -35.39 4.53 -12.06
C SER A 253 -35.39 3.50 -13.19
N SER A 254 -35.99 3.79 -14.33
CA SER A 254 -36.10 2.71 -15.30
C SER A 254 -34.93 2.74 -16.31
N SER A 255 -33.78 3.33 -15.95
CA SER A 255 -32.57 3.17 -16.75
C SER A 255 -31.44 2.53 -15.93
N SER A 256 -31.79 2.05 -14.73
CA SER A 256 -30.88 1.28 -13.91
C SER A 256 -30.39 0.07 -14.68
N LEU A 257 -29.06 -0.13 -14.71
CA LEU A 257 -28.45 -1.25 -15.39
C LEU A 257 -28.41 -2.48 -14.46
N LEU A 258 -28.79 -2.26 -13.20
CA LEU A 258 -28.78 -3.30 -12.17
C LEU A 258 -30.14 -3.33 -11.45
N ASP A 259 -30.43 -4.47 -10.81
CA ASP A 259 -31.77 -4.78 -10.35
C ASP A 259 -31.96 -4.15 -8.96
N HIS A 260 -33.04 -3.40 -8.81
CA HIS A 260 -33.35 -2.71 -7.57
C HIS A 260 -33.91 -3.72 -6.59
N ASP A 261 -33.32 -3.74 -5.38
CA ASP A 261 -33.93 -4.38 -4.24
C ASP A 261 -34.84 -3.35 -3.62
N ARG A 262 -36.15 -3.54 -3.73
CA ARG A 262 -37.12 -2.60 -3.17
C ARG A 262 -37.47 -2.98 -1.74
N THR A 263 -36.80 -4.01 -1.20
CA THR A 263 -37.07 -4.48 0.15
C THR A 263 -36.62 -3.47 1.18
N VAL A 264 -35.99 -2.37 0.73
CA VAL A 264 -35.50 -1.34 1.61
C VAL A 264 -36.57 -0.28 1.91
N PHE A 265 -37.62 -0.20 1.08
CA PHE A 265 -38.64 0.83 1.23
C PHE A 265 -39.57 0.52 2.39
N PRO A 266 -39.98 -0.77 2.59
CA PRO A 266 -40.79 -1.15 3.75
C PRO A 266 -40.03 -1.02 5.07
N TRP A 267 -38.71 -1.18 5.00
CA TRP A 267 -37.86 -0.93 6.16
C TRP A 267 -37.89 0.56 6.50
N LEU A 268 -37.27 1.39 5.64
CA LEU A 268 -37.11 2.83 5.85
C LEU A 268 -38.34 3.40 6.54
N ASP A 269 -39.54 3.05 6.06
CA ASP A 269 -40.79 3.46 6.67
C ASP A 269 -40.73 3.26 8.19
N GLN A 270 -40.09 2.18 8.63
CA GLN A 270 -40.00 1.86 10.06
C GLN A 270 -38.68 2.32 10.69
N GLN A 271 -37.95 3.18 9.99
CA GLN A 271 -36.95 3.99 10.66
C GLN A 271 -37.66 5.27 11.05
N PRO A 272 -37.37 5.90 12.20
CA PRO A 272 -37.92 7.22 12.50
C PRO A 272 -37.36 8.24 11.52
N SER A 273 -38.05 9.39 11.42
CA SER A 273 -37.74 10.41 10.42
C SER A 273 -36.31 10.92 10.53
N ARG A 274 -35.51 10.70 9.47
CA ARG A 274 -34.19 11.30 9.31
C ARG A 274 -33.20 10.68 10.30
N SER A 275 -33.19 9.34 10.33
CA SER A 275 -32.26 8.57 11.16
C SER A 275 -31.52 7.51 10.32
N VAL A 276 -31.48 7.69 9.00
CA VAL A 276 -30.83 6.72 8.13
C VAL A 276 -29.84 7.50 7.27
N LEU A 277 -28.59 7.03 7.27
CA LEU A 277 -27.61 7.52 6.33
C LEU A 277 -27.62 6.58 5.13
N TYR A 278 -27.93 7.13 3.95
CA TYR A 278 -27.76 6.40 2.70
C TYR A 278 -26.29 6.52 2.32
N VAL A 279 -25.75 5.47 1.67
CA VAL A 279 -24.34 5.43 1.36
C VAL A 279 -24.15 4.76 0.01
N SER A 280 -24.01 5.57 -1.04
CA SER A 280 -23.65 5.08 -2.36
C SER A 280 -22.30 5.66 -2.76
N PHE A 281 -21.50 4.81 -3.42
CA PHE A 281 -20.25 5.20 -4.05
C PHE A 281 -20.29 4.71 -5.49
N GLY A 282 -21.07 5.43 -6.31
CA GLY A 282 -20.96 5.34 -7.75
C GLY A 282 -21.35 3.97 -8.28
N SER A 283 -21.03 3.76 -9.56
CA SER A 283 -21.37 2.54 -10.27
C SER A 283 -20.11 1.83 -10.78
N ALA A 284 -18.96 2.52 -10.64
CA ALA A 284 -17.69 2.04 -11.15
C ALA A 284 -16.74 1.69 -10.01
N THR A 285 -16.88 2.39 -8.88
CA THR A 285 -15.82 2.55 -7.90
C THR A 285 -15.45 1.22 -7.24
N GLU A 286 -14.15 1.09 -6.93
CA GLU A 286 -13.57 -0.08 -6.28
C GLU A 286 -12.81 0.36 -5.02
N VAL A 287 -12.59 -0.56 -4.08
CA VAL A 287 -11.83 -0.28 -2.86
C VAL A 287 -11.05 -1.53 -2.42
N ASP A 288 -9.98 -1.30 -1.64
CA ASP A 288 -9.16 -2.36 -1.08
C ASP A 288 -9.92 -3.05 0.06
N GLU A 289 -9.47 -4.26 0.42
CA GLU A 289 -10.01 -4.99 1.55
C GLU A 289 -9.80 -4.19 2.83
N LYS A 290 -8.62 -3.54 2.94
CA LYS A 290 -8.26 -2.69 4.06
C LYS A 290 -9.29 -1.58 4.28
N ASP A 291 -9.60 -0.84 3.20
CA ASP A 291 -10.44 0.34 3.27
C ASP A 291 -11.90 -0.05 3.50
N PHE A 292 -12.35 -1.13 2.82
CA PHE A 292 -13.73 -1.58 2.91
C PHE A 292 -14.12 -1.83 4.37
N LEU A 293 -13.22 -2.49 5.11
CA LEU A 293 -13.38 -2.71 6.53
C LEU A 293 -13.33 -1.36 7.25
N GLU A 294 -12.37 -0.52 6.85
CA GLU A 294 -12.24 0.80 7.43
C GLU A 294 -13.57 1.55 7.27
N ILE A 295 -14.05 1.67 6.02
CA ILE A 295 -15.35 2.27 5.77
C ILE A 295 -16.39 1.61 6.68
N ALA A 296 -16.25 0.29 6.92
CA ALA A 296 -17.26 -0.46 7.66
C ALA A 296 -17.37 0.04 9.10
N ARG A 297 -16.25 0.02 9.82
CA ARG A 297 -16.20 0.38 11.23
C ARG A 297 -16.80 1.78 11.43
N GLY A 298 -16.31 2.76 10.66
CA GLY A 298 -16.73 4.15 10.80
C GLY A 298 -18.24 4.30 10.87
N LEU A 299 -18.95 3.55 10.03
CA LEU A 299 -20.40 3.52 10.00
C LEU A 299 -21.00 3.01 11.32
N VAL A 300 -20.44 1.93 11.87
CA VAL A 300 -20.86 1.43 13.17
C VAL A 300 -20.47 2.45 14.23
N ASP A 301 -19.22 2.93 14.14
CA ASP A 301 -18.63 3.80 15.15
C ASP A 301 -19.51 5.05 15.32
N SER A 302 -20.17 5.47 14.23
CA SER A 302 -21.04 6.63 14.23
C SER A 302 -22.32 6.38 15.02
N LYS A 303 -22.64 5.10 15.25
CA LYS A 303 -23.86 4.69 15.93
C LYS A 303 -25.07 5.40 15.32
N GLN A 304 -25.32 5.12 14.04
CA GLN A 304 -26.50 5.59 13.35
C GLN A 304 -27.04 4.44 12.50
N SER A 305 -28.36 4.46 12.25
CA SER A 305 -28.95 3.57 11.27
C SER A 305 -28.57 4.00 9.86
N PHE A 306 -28.00 3.08 9.08
CA PHE A 306 -27.56 3.40 7.74
C PHE A 306 -27.85 2.24 6.79
N LEU A 307 -28.46 2.56 5.64
CA LEU A 307 -28.58 1.63 4.52
C LEU A 307 -27.39 1.87 3.62
N TRP A 308 -26.60 0.83 3.36
CA TRP A 308 -25.36 1.00 2.62
C TRP A 308 -25.38 0.06 1.41
N VAL A 309 -25.47 0.66 0.22
CA VAL A 309 -25.47 -0.10 -1.02
C VAL A 309 -24.04 -0.56 -1.28
N VAL A 310 -23.89 -1.81 -1.72
CA VAL A 310 -22.60 -2.32 -2.16
C VAL A 310 -22.83 -3.07 -3.47
N ARG A 311 -22.13 -2.63 -4.53
CA ARG A 311 -22.27 -3.21 -5.84
C ARG A 311 -21.85 -4.67 -5.80
N PRO A 312 -22.14 -5.48 -6.84
CA PRO A 312 -21.54 -6.81 -6.98
C PRO A 312 -20.16 -6.67 -7.61
N GLY A 313 -19.11 -6.80 -6.77
CA GLY A 313 -17.72 -6.65 -7.21
C GLY A 313 -17.10 -5.32 -6.77
N PHE A 314 -17.64 -4.70 -5.71
CA PHE A 314 -17.19 -3.40 -5.24
C PHE A 314 -15.85 -3.55 -4.54
N VAL A 315 -15.79 -4.53 -3.63
CA VAL A 315 -14.60 -4.77 -2.83
C VAL A 315 -13.64 -5.65 -3.62
N LYS A 316 -12.35 -5.28 -3.60
CA LYS A 316 -11.35 -5.94 -4.42
C LYS A 316 -10.75 -7.13 -3.66
N GLY A 317 -10.32 -8.14 -4.43
CA GLY A 317 -9.94 -9.42 -3.88
C GLY A 317 -11.12 -10.15 -3.24
N SER A 318 -12.31 -10.00 -3.84
CA SER A 318 -13.54 -10.59 -3.33
C SER A 318 -14.67 -10.44 -4.37
N THR A 319 -15.84 -11.03 -4.09
CA THR A 319 -16.96 -11.00 -5.02
C THR A 319 -17.96 -9.92 -4.61
N TRP A 320 -18.39 -9.94 -3.34
CA TRP A 320 -19.41 -9.01 -2.85
C TRP A 320 -18.96 -8.40 -1.52
N VAL A 321 -19.31 -9.05 -0.41
CA VAL A 321 -19.04 -8.52 0.91
C VAL A 321 -18.60 -9.66 1.83
N GLU A 322 -17.84 -10.62 1.29
CA GLU A 322 -17.26 -11.66 2.11
C GLU A 322 -16.42 -11.00 3.23
N PRO A 323 -15.59 -9.97 2.91
CA PRO A 323 -14.77 -9.30 3.92
C PRO A 323 -15.47 -8.86 5.20
N LEU A 324 -16.80 -8.69 5.14
CA LEU A 324 -17.56 -8.29 6.31
C LEU A 324 -17.52 -9.41 7.35
N PRO A 325 -17.16 -9.09 8.62
CA PRO A 325 -17.30 -10.05 9.73
C PRO A 325 -18.75 -10.13 10.21
N ASP A 326 -19.09 -11.27 10.84
CA ASP A 326 -20.37 -11.41 11.51
C ASP A 326 -20.33 -10.62 12.83
N GLY A 327 -21.48 -10.04 13.20
CA GLY A 327 -21.61 -9.29 14.44
C GLY A 327 -21.22 -7.83 14.27
N PHE A 328 -21.49 -7.26 13.08
CA PHE A 328 -21.42 -5.84 12.82
C PHE A 328 -22.84 -5.32 12.60
N LEU A 329 -23.16 -4.17 13.23
CA LEU A 329 -24.53 -3.69 13.36
C LEU A 329 -25.50 -4.87 13.31
N GLY A 330 -26.38 -4.93 12.30
CA GLY A 330 -27.33 -6.02 12.17
C GLY A 330 -28.75 -5.55 12.44
N GLU A 331 -28.90 -4.57 13.35
CA GLU A 331 -30.18 -4.01 13.73
C GLU A 331 -30.36 -2.62 13.12
N ARG A 332 -29.27 -1.85 13.09
CA ARG A 332 -29.30 -0.45 12.71
C ARG A 332 -29.43 -0.31 11.20
N GLY A 333 -28.68 -1.13 10.45
CA GLY A 333 -28.51 -0.95 9.02
C GLY A 333 -28.60 -2.28 8.26
N ARG A 334 -28.72 -2.17 6.93
CA ARG A 334 -28.61 -3.34 6.06
C ARG A 334 -27.94 -2.94 4.74
N ILE A 335 -27.12 -3.87 4.24
CA ILE A 335 -26.45 -3.74 2.97
C ILE A 335 -27.41 -4.23 1.89
N VAL A 336 -27.13 -3.85 0.64
CA VAL A 336 -27.91 -4.26 -0.52
C VAL A 336 -27.05 -4.10 -1.76
N LYS A 337 -27.52 -4.62 -2.89
CA LYS A 337 -26.72 -4.62 -4.10
C LYS A 337 -26.87 -3.29 -4.85
N TRP A 338 -28.07 -2.68 -4.74
CA TRP A 338 -28.54 -1.69 -5.69
C TRP A 338 -29.96 -1.28 -5.31
N VAL A 339 -30.32 0.00 -5.49
CA VAL A 339 -31.62 0.52 -5.14
C VAL A 339 -32.02 1.66 -6.09
N PRO A 340 -33.30 2.08 -6.12
CA PRO A 340 -33.69 3.32 -6.79
C PRO A 340 -33.54 4.51 -5.86
N GLN A 341 -32.33 5.10 -5.93
CA GLN A 341 -31.79 6.12 -5.04
C GLN A 341 -32.67 7.34 -4.87
N GLN A 342 -33.00 8.04 -5.95
CA GLN A 342 -33.83 9.22 -5.83
CA GLN A 342 -33.81 9.24 -5.78
C GLN A 342 -35.06 8.87 -4.99
N GLU A 343 -35.68 7.73 -5.32
CA GLU A 343 -36.84 7.27 -4.56
C GLU A 343 -36.46 7.09 -3.08
N VAL A 344 -35.27 6.51 -2.83
CA VAL A 344 -34.72 6.42 -1.48
C VAL A 344 -34.57 7.84 -0.90
N LEU A 345 -33.58 8.62 -1.37
CA LEU A 345 -33.30 9.97 -0.87
C LEU A 345 -34.57 10.72 -0.48
N ALA A 346 -35.65 10.54 -1.24
CA ALA A 346 -36.89 11.24 -0.96
C ALA A 346 -37.63 10.65 0.24
N HIS A 347 -37.21 9.48 0.74
CA HIS A 347 -37.81 8.95 1.96
C HIS A 347 -37.33 9.80 3.13
N GLY A 348 -38.25 10.09 4.08
CA GLY A 348 -37.96 10.80 5.32
C GLY A 348 -36.96 10.07 6.23
N ALA A 349 -37.09 8.76 6.34
CA ALA A 349 -36.11 7.93 7.03
C ALA A 349 -34.69 8.40 6.76
N ILE A 350 -34.47 9.04 5.59
CA ILE A 350 -33.16 9.57 5.19
C ILE A 350 -32.85 10.84 5.97
N GLY A 351 -31.57 10.93 6.38
CA GLY A 351 -31.05 12.07 7.13
C GLY A 351 -29.86 12.70 6.43
N ALA A 352 -29.10 11.88 5.70
CA ALA A 352 -27.93 12.35 4.98
C ALA A 352 -27.64 11.37 3.85
N PHE A 353 -26.53 11.58 3.13
CA PHE A 353 -26.14 10.68 2.05
C PHE A 353 -24.62 10.70 1.92
N TRP A 354 -23.99 9.55 2.17
CA TRP A 354 -22.55 9.43 2.00
C TRP A 354 -22.26 9.15 0.53
N THR A 355 -22.24 10.23 -0.25
CA THR A 355 -21.98 10.20 -1.68
C THR A 355 -20.51 9.86 -1.94
N HIS A 356 -20.16 9.77 -3.22
CA HIS A 356 -18.78 9.73 -3.68
C HIS A 356 -18.53 10.96 -4.57
N SER A 357 -19.46 11.92 -4.53
CA SER A 357 -19.29 13.18 -5.20
C SER A 357 -19.41 12.99 -6.72
N GLY A 358 -20.10 11.92 -7.13
CA GLY A 358 -20.61 11.82 -8.48
C GLY A 358 -21.75 12.84 -8.60
N TRP A 359 -21.89 13.41 -9.80
CA TRP A 359 -22.71 14.60 -9.99
C TRP A 359 -24.21 14.32 -9.87
N ASN A 360 -24.70 13.28 -10.55
CA ASN A 360 -26.13 12.92 -10.51
C ASN A 360 -26.56 12.68 -9.08
N SER A 361 -25.81 11.81 -8.38
CA SER A 361 -26.08 11.47 -6.99
C SER A 361 -26.06 12.74 -6.16
N THR A 362 -25.07 13.61 -6.43
CA THR A 362 -24.96 14.90 -5.78
C THR A 362 -26.17 15.79 -6.12
N LEU A 363 -26.54 15.84 -7.40
CA LEU A 363 -27.63 16.70 -7.84
C LEU A 363 -28.96 16.15 -7.32
N GLU A 364 -29.12 14.83 -7.43
CA GLU A 364 -30.31 14.17 -6.93
C GLU A 364 -30.55 14.66 -5.52
N SER A 365 -29.50 14.52 -4.70
CA SER A 365 -29.47 14.98 -3.33
C SER A 365 -30.09 16.37 -3.19
N VAL A 366 -29.47 17.39 -3.78
CA VAL A 366 -29.92 18.75 -3.55
C VAL A 366 -31.42 18.82 -3.83
N CYS A 367 -31.88 18.20 -4.92
CA CYS A 367 -33.25 18.36 -5.38
C CYS A 367 -34.25 17.65 -4.46
N GLU A 368 -33.83 16.53 -3.86
CA GLU A 368 -34.66 15.84 -2.88
C GLU A 368 -34.38 16.39 -1.50
N GLY A 369 -33.21 17.03 -1.34
CA GLY A 369 -32.91 17.88 -0.20
C GLY A 369 -32.31 17.11 0.97
N VAL A 370 -31.12 16.57 0.76
CA VAL A 370 -30.43 15.76 1.77
C VAL A 370 -28.97 16.22 1.83
N PRO A 371 -28.38 16.34 3.05
CA PRO A 371 -26.97 16.69 3.21
C PRO A 371 -26.03 15.50 3.14
N MET A 372 -24.78 15.74 2.74
CA MET A 372 -23.96 14.66 2.24
C MET A 372 -22.55 14.64 2.82
N ILE A 373 -22.01 13.45 3.02
CA ILE A 373 -20.58 13.24 3.22
C ILE A 373 -19.95 13.08 1.84
N PHE A 374 -18.75 13.64 1.61
CA PHE A 374 -18.14 13.58 0.28
C PHE A 374 -16.94 12.65 0.25
N SER A 375 -16.54 12.29 -0.97
CA SER A 375 -15.33 11.52 -1.24
C SER A 375 -14.87 11.82 -2.67
N ASP A 376 -13.74 11.25 -3.10
CA ASP A 376 -13.29 11.44 -4.47
C ASP A 376 -12.45 10.24 -4.93
N PHE A 377 -12.89 9.62 -6.04
CA PHE A 377 -12.11 8.62 -6.75
C PHE A 377 -11.66 9.20 -8.09
N GLY A 378 -11.31 10.50 -8.08
CA GLY A 378 -10.68 11.17 -9.20
C GLY A 378 -11.69 11.87 -10.10
N LEU A 379 -11.28 12.05 -11.36
CA LEU A 379 -12.12 12.60 -12.42
C LEU A 379 -12.62 13.98 -12.02
N ASP A 380 -13.71 14.01 -11.25
CA ASP A 380 -14.51 15.22 -11.06
C ASP A 380 -15.02 15.31 -9.63
N GLN A 381 -14.71 14.28 -8.84
CA GLN A 381 -15.39 14.09 -7.58
C GLN A 381 -14.88 15.10 -6.56
N PRO A 382 -13.58 15.52 -6.57
CA PRO A 382 -13.12 16.58 -5.66
C PRO A 382 -13.83 17.89 -5.98
N LEU A 383 -13.71 18.31 -7.24
CA LEU A 383 -14.38 19.50 -7.76
C LEU A 383 -15.81 19.56 -7.21
N ASN A 384 -16.57 18.48 -7.47
CA ASN A 384 -17.95 18.39 -7.02
C ASN A 384 -17.98 18.56 -5.51
N ALA A 385 -17.20 17.70 -4.82
CA ALA A 385 -17.11 17.74 -3.37
C ALA A 385 -16.81 19.16 -2.89
N ARG A 386 -15.82 19.80 -3.51
CA ARG A 386 -15.33 21.07 -3.05
C ARG A 386 -16.46 22.09 -2.97
N TYR A 387 -17.09 22.39 -4.11
CA TYR A 387 -17.95 23.57 -4.21
C TYR A 387 -19.37 23.19 -3.80
N MET A 388 -19.58 21.91 -3.44
CA MET A 388 -20.78 21.53 -2.72
C MET A 388 -20.56 21.72 -1.23
N SER A 389 -19.33 21.41 -0.75
CA SER A 389 -18.95 21.66 0.64
C SER A 389 -19.02 23.15 0.96
N ASP A 390 -18.19 23.95 0.28
CA ASP A 390 -17.82 25.27 0.77
C ASP A 390 -18.73 26.35 0.18
N VAL A 391 -18.98 26.30 -1.13
CA VAL A 391 -19.74 27.37 -1.76
C VAL A 391 -21.20 27.28 -1.29
N LEU A 392 -21.92 26.24 -1.69
CA LEU A 392 -23.31 26.06 -1.29
C LEU A 392 -23.39 25.85 0.21
N LYS A 393 -22.59 24.90 0.70
CA LYS A 393 -22.54 24.53 2.11
C LYS A 393 -23.66 23.54 2.37
N VAL A 394 -23.49 22.34 1.81
CA VAL A 394 -24.47 21.29 1.95
C VAL A 394 -23.73 19.95 2.12
N GLY A 395 -22.61 19.96 2.86
CA GLY A 395 -21.93 18.70 3.17
C GLY A 395 -20.57 18.84 3.87
N VAL A 396 -19.97 17.67 4.13
CA VAL A 396 -18.74 17.53 4.87
C VAL A 396 -17.82 16.60 4.08
N TYR A 397 -16.66 17.15 3.67
CA TYR A 397 -15.77 16.48 2.73
C TYR A 397 -14.58 15.90 3.48
N LEU A 398 -14.63 14.58 3.69
CA LEU A 398 -13.45 13.79 4.02
C LEU A 398 -12.43 14.01 2.91
N GLU A 399 -11.51 14.97 3.13
CA GLU A 399 -10.43 15.27 2.21
C GLU A 399 -9.34 14.20 2.34
N ASN A 400 -9.08 13.77 3.58
CA ASN A 400 -7.83 13.09 3.93
C ASN A 400 -8.02 11.59 4.06
N GLY A 401 -8.41 10.95 2.95
CA GLY A 401 -8.52 9.50 2.90
C GLY A 401 -9.65 9.00 3.82
N TRP A 402 -9.36 7.93 4.57
CA TRP A 402 -10.38 7.24 5.35
C TRP A 402 -9.84 6.87 6.73
N GLU A 403 -10.39 7.53 7.76
CA GLU A 403 -10.14 7.18 9.15
C GLU A 403 -11.48 6.85 9.82
N ARG A 404 -11.47 5.84 10.69
CA ARG A 404 -12.68 5.35 11.33
C ARG A 404 -13.15 6.32 12.42
N GLY A 405 -12.32 7.31 12.75
CA GLY A 405 -12.72 8.39 13.65
C GLY A 405 -13.38 9.53 12.89
N GLU A 406 -12.71 9.99 11.83
CA GLU A 406 -13.15 11.11 11.02
C GLU A 406 -14.53 10.82 10.42
N ILE A 407 -14.62 9.70 9.68
CA ILE A 407 -15.84 9.26 9.03
C ILE A 407 -17.02 9.37 10.00
N ALA A 408 -16.87 8.77 11.19
CA ALA A 408 -17.90 8.79 12.21
C ALA A 408 -18.14 10.21 12.74
N ASN A 409 -17.11 11.08 12.62
CA ASN A 409 -17.19 12.48 13.06
C ASN A 409 -17.63 13.39 11.93
N ALA A 410 -17.77 12.84 10.72
CA ALA A 410 -18.47 13.53 9.66
C ALA A 410 -19.96 13.18 9.72
N ILE A 411 -20.28 11.90 9.96
CA ILE A 411 -21.66 11.41 9.96
C ILE A 411 -22.41 11.95 11.17
N ARG A 412 -21.85 11.75 12.37
CA ARG A 412 -22.40 12.39 13.57
C ARG A 412 -22.60 13.87 13.30
N ARG A 413 -21.55 14.53 12.75
CA ARG A 413 -21.61 15.96 12.48
C ARG A 413 -22.90 16.30 11.74
N VAL A 414 -23.03 15.84 10.49
CA VAL A 414 -24.11 16.25 9.60
C VAL A 414 -25.46 15.87 10.19
N MET A 415 -25.51 14.69 10.85
CA MET A 415 -26.77 14.07 11.22
C MET A 415 -27.22 14.52 12.60
N VAL A 416 -26.37 14.27 13.61
CA VAL A 416 -26.80 14.33 15.01
C VAL A 416 -26.28 15.61 15.67
N ASP A 417 -24.97 15.84 15.48
CA ASP A 417 -24.25 16.93 16.13
C ASP A 417 -25.08 18.20 15.98
N GLU A 418 -24.95 19.12 16.94
CA GLU A 418 -25.69 20.36 16.94
C GLU A 418 -24.92 21.40 16.12
N GLU A 419 -23.83 20.95 15.45
CA GLU A 419 -22.86 21.83 14.82
C GLU A 419 -22.89 21.64 13.30
N GLY A 420 -24.02 21.12 12.78
CA GLY A 420 -24.24 20.98 11.35
C GLY A 420 -25.65 21.41 10.95
N GLU A 421 -26.37 22.10 11.85
CA GLU A 421 -27.71 22.57 11.56
C GLU A 421 -27.66 23.55 10.39
N TYR A 422 -26.49 24.20 10.19
CA TYR A 422 -26.28 25.08 9.05
C TYR A 422 -26.07 24.24 7.79
N ILE A 423 -25.62 22.99 7.93
CA ILE A 423 -25.56 22.08 6.80
C ILE A 423 -26.99 21.67 6.41
N ARG A 424 -27.76 21.24 7.41
CA ARG A 424 -29.10 20.72 7.19
C ARG A 424 -30.00 21.84 6.69
N GLN A 425 -29.79 23.05 7.20
CA GLN A 425 -30.61 24.19 6.82
C GLN A 425 -30.45 24.48 5.33
N ASN A 426 -29.20 24.72 4.89
CA ASN A 426 -28.87 25.07 3.52
C ASN A 426 -29.30 23.98 2.55
N ALA A 427 -29.12 22.71 2.95
CA ALA A 427 -29.38 21.58 2.06
C ALA A 427 -30.86 21.48 1.66
N ARG A 428 -31.74 22.26 2.32
CA ARG A 428 -33.17 22.22 2.06
C ARG A 428 -33.70 23.60 1.69
N VAL A 429 -32.90 24.64 1.87
CA VAL A 429 -33.22 25.93 1.28
C VAL A 429 -33.13 25.79 -0.24
N LEU A 430 -32.05 25.14 -0.68
CA LEU A 430 -31.71 24.95 -2.09
C LEU A 430 -32.76 24.12 -2.81
N LYS A 431 -33.49 23.28 -2.07
CA LYS A 431 -34.51 22.41 -2.63
C LYS A 431 -35.73 23.23 -3.04
N GLN A 432 -36.13 24.20 -2.23
CA GLN A 432 -37.33 24.97 -2.53
C GLN A 432 -37.07 25.77 -3.80
N LYS A 433 -35.84 26.27 -3.94
CA LYS A 433 -35.38 26.98 -5.12
C LYS A 433 -35.59 26.14 -6.39
N ALA A 434 -35.24 24.85 -6.31
CA ALA A 434 -35.41 23.92 -7.41
C ALA A 434 -36.87 23.82 -7.83
N ASP A 435 -37.77 23.63 -6.85
CA ASP A 435 -39.20 23.58 -7.13
C ASP A 435 -39.64 24.88 -7.83
N VAL A 436 -39.00 25.99 -7.45
CA VAL A 436 -39.35 27.29 -7.97
C VAL A 436 -38.92 27.36 -9.44
N SER A 437 -37.73 26.81 -9.74
CA SER A 437 -37.26 26.68 -11.12
C SER A 437 -38.38 26.10 -11.96
N LEU A 438 -38.82 24.88 -11.61
CA LEU A 438 -39.75 24.12 -12.43
C LEU A 438 -41.16 24.69 -12.34
N MET A 439 -41.43 25.52 -11.33
CA MET A 439 -42.66 26.28 -11.28
C MET A 439 -42.61 27.35 -12.38
N LYS A 440 -43.77 27.60 -13.01
CA LYS A 440 -43.86 28.52 -14.14
C LYS A 440 -43.21 29.85 -13.76
N GLY A 441 -42.66 30.54 -14.75
CA GLY A 441 -41.93 31.77 -14.49
C GLY A 441 -40.72 31.50 -13.58
N GLY A 442 -39.89 30.56 -14.02
CA GLY A 442 -38.67 30.22 -13.32
C GLY A 442 -37.62 29.69 -14.29
N SER A 443 -36.35 30.03 -14.05
CA SER A 443 -35.24 29.62 -14.88
C SER A 443 -35.54 28.34 -15.67
N SER A 444 -35.58 27.21 -14.94
CA SER A 444 -35.73 25.89 -15.52
C SER A 444 -37.00 25.85 -16.37
N TYR A 445 -38.07 26.44 -15.85
CA TYR A 445 -39.32 26.48 -16.59
C TYR A 445 -39.08 27.11 -17.96
N GLU A 446 -38.50 28.31 -17.97
CA GLU A 446 -38.28 29.04 -19.19
C GLU A 446 -37.25 28.31 -20.05
N SER A 447 -36.18 27.77 -19.43
CA SER A 447 -35.09 27.14 -20.17
C SER A 447 -35.62 25.99 -21.03
N LEU A 448 -36.63 25.29 -20.53
CA LEU A 448 -37.19 24.16 -21.25
C LEU A 448 -38.09 24.65 -22.39
N GLU A 449 -38.88 25.71 -22.16
CA GLU A 449 -39.67 26.29 -23.24
C GLU A 449 -38.73 26.75 -24.34
N SER A 450 -37.52 27.16 -23.95
CA SER A 450 -36.55 27.78 -24.85
C SER A 450 -35.83 26.71 -25.65
N LEU A 451 -35.23 25.75 -24.93
CA LEU A 451 -34.67 24.54 -25.50
C LEU A 451 -35.63 23.96 -26.51
N VAL A 452 -36.90 23.83 -26.11
CA VAL A 452 -37.93 23.29 -26.98
C VAL A 452 -38.00 24.20 -28.21
N SER A 453 -38.10 25.51 -27.99
CA SER A 453 -38.17 26.47 -29.08
C SER A 453 -36.91 26.40 -29.93
N TYR A 454 -35.77 26.12 -29.26
CA TYR A 454 -34.48 26.07 -29.91
C TYR A 454 -34.35 24.81 -30.79
N ILE A 455 -35.09 23.76 -30.47
CA ILE A 455 -35.06 22.55 -31.28
C ILE A 455 -35.99 22.72 -32.48
N SER A 456 -37.23 23.15 -32.23
CA SER A 456 -38.22 23.31 -33.31
C SER A 456 -37.75 24.38 -34.29
N SER A 457 -37.59 25.62 -33.83
CA SER A 457 -37.14 26.73 -34.70
C SER A 457 -35.77 26.40 -35.29
N LEU A 458 -35.70 25.35 -36.11
CA LEU A 458 -34.44 24.95 -36.77
C LEU A 458 -34.74 24.70 -38.26
N ARG B 13 4.94 22.31 46.48
CA ARG B 13 5.15 20.83 46.50
C ARG B 13 6.29 20.46 45.56
N ARG B 14 7.31 19.78 46.10
CA ARG B 14 8.53 19.50 45.36
C ARG B 14 8.46 18.12 44.71
N ILE B 15 8.88 18.07 43.44
CA ILE B 15 9.10 16.81 42.73
C ILE B 15 10.61 16.70 42.50
N ILE B 16 11.14 15.50 42.71
CA ILE B 16 12.55 15.23 42.48
C ILE B 16 12.70 14.29 41.29
N LEU B 17 13.62 14.61 40.39
CA LEU B 17 13.68 13.89 39.14
C LEU B 17 15.09 13.34 38.95
N PHE B 18 15.19 12.01 38.98
CA PHE B 18 16.45 11.32 38.77
C PHE B 18 16.45 10.64 37.41
N PRO B 19 17.03 11.25 36.35
CA PRO B 19 17.24 10.56 35.07
C PRO B 19 18.49 9.67 35.05
N VAL B 20 18.69 9.00 33.93
CA VAL B 20 19.94 8.35 33.57
C VAL B 20 20.70 9.30 32.65
N PRO B 21 22.02 9.50 32.83
CA PRO B 21 22.71 10.55 32.10
C PRO B 21 23.14 10.16 30.68
N PHE B 22 22.19 9.71 29.87
CA PHE B 22 22.43 9.54 28.44
C PHE B 22 21.44 10.43 27.68
N GLN B 23 21.83 10.84 26.46
CA GLN B 23 21.11 11.87 25.70
C GLN B 23 19.61 11.57 25.59
N GLY B 24 19.28 10.31 25.29
CA GLY B 24 17.90 9.90 25.08
C GLY B 24 17.21 9.52 26.38
N HIS B 25 17.81 9.93 27.51
CA HIS B 25 17.21 9.78 28.83
C HIS B 25 17.09 11.14 29.52
N ILE B 26 18.17 11.92 29.49
CA ILE B 26 18.17 13.28 30.01
C ILE B 26 17.08 14.09 29.33
N ASN B 27 16.90 13.87 28.02
CA ASN B 27 15.96 14.65 27.24
C ASN B 27 14.54 14.44 27.77
N PRO B 28 13.98 13.21 27.74
CA PRO B 28 12.63 13.00 28.25
C PRO B 28 12.44 13.62 29.64
N MET B 29 13.26 13.17 30.60
CA MET B 29 13.07 13.58 31.99
C MET B 29 12.97 15.10 32.08
N LEU B 30 13.84 15.83 31.36
CA LEU B 30 13.86 17.28 31.47
C LEU B 30 12.71 17.91 30.72
N GLN B 31 12.10 17.13 29.81
CA GLN B 31 10.87 17.51 29.13
C GLN B 31 9.68 17.34 30.07
N LEU B 32 9.73 16.29 30.91
CA LEU B 32 8.83 16.23 32.05
C LEU B 32 9.08 17.47 32.91
N ALA B 33 10.25 17.54 33.57
CA ALA B 33 10.57 18.62 34.49
C ALA B 33 9.97 19.97 34.10
N ASN B 34 10.03 20.34 32.80
CA ASN B 34 9.57 21.64 32.38
C ASN B 34 8.04 21.69 32.44
N VAL B 35 7.38 20.63 31.95
CA VAL B 35 5.94 20.57 31.90
C VAL B 35 5.35 20.66 33.31
N LEU B 36 5.98 20.01 34.28
CA LEU B 36 5.45 19.94 35.63
C LEU B 36 5.68 21.27 36.37
N TYR B 37 6.82 21.93 36.10
CA TYR B 37 7.08 23.27 36.60
C TYR B 37 5.98 24.19 36.06
N SER B 38 5.68 24.09 34.76
CA SER B 38 4.50 24.74 34.20
C SER B 38 3.38 24.63 35.23
N LYS B 39 3.06 23.38 35.57
CA LYS B 39 1.87 22.99 36.31
C LYS B 39 2.02 23.29 37.80
N GLY B 40 3.04 24.11 38.14
CA GLY B 40 3.17 24.70 39.46
C GLY B 40 3.87 23.78 40.44
N PHE B 41 4.74 22.90 39.94
CA PHE B 41 5.56 22.05 40.80
C PHE B 41 7.01 22.52 40.74
N SER B 42 7.58 22.89 41.88
CA SER B 42 9.01 23.19 41.95
C SER B 42 9.80 21.87 41.92
N ILE B 43 11.01 21.92 41.32
CA ILE B 43 11.61 20.72 40.78
C ILE B 43 13.09 20.64 41.09
N THR B 44 13.49 19.45 41.55
CA THR B 44 14.85 19.15 41.95
C THR B 44 15.30 17.92 41.16
N ILE B 45 16.47 18.04 40.51
CA ILE B 45 17.00 17.04 39.59
C ILE B 45 18.24 16.40 40.20
N PHE B 46 18.10 15.13 40.60
CA PHE B 46 19.22 14.30 41.00
C PHE B 46 19.97 13.85 39.75
N HIS B 47 21.30 14.07 39.73
CA HIS B 47 22.08 13.81 38.54
C HIS B 47 23.53 13.48 38.87
N THR B 48 24.11 12.65 38.01
CA THR B 48 25.53 12.36 38.06
C THR B 48 26.31 13.57 37.52
N ASN B 49 27.61 13.59 37.85
CA ASN B 49 28.54 14.54 37.26
C ASN B 49 28.85 14.13 35.81
N PHE B 50 28.84 12.83 35.54
CA PHE B 50 29.17 12.32 34.21
C PHE B 50 28.05 12.71 33.25
N ASN B 51 28.42 13.51 32.24
CA ASN B 51 27.49 14.11 31.29
C ASN B 51 26.55 15.07 32.00
N LYS B 52 27.07 15.93 32.88
CA LYS B 52 26.21 16.91 33.52
C LYS B 52 25.70 17.85 32.43
N PRO B 53 24.38 18.14 32.39
CA PRO B 53 23.84 19.11 31.43
C PRO B 53 24.12 20.54 31.88
N LYS B 54 23.89 21.49 30.96
CA LYS B 54 24.08 22.91 31.25
C LYS B 54 22.94 23.43 32.12
N THR B 55 23.28 23.73 33.38
CA THR B 55 22.32 23.98 34.44
C THR B 55 21.75 25.40 34.36
N SER B 56 22.46 26.29 33.63
CA SER B 56 22.02 27.65 33.39
C SER B 56 21.01 27.71 32.25
N ASN B 57 20.86 26.61 31.51
CA ASN B 57 19.76 26.45 30.58
C ASN B 57 18.48 26.12 31.36
N TYR B 58 18.63 25.94 32.68
CA TYR B 58 17.53 25.55 33.55
C TYR B 58 17.63 26.34 34.86
N PRO B 59 17.31 27.65 34.86
CA PRO B 59 17.39 28.47 36.07
C PRO B 59 16.27 28.17 37.07
N HIS B 60 15.18 27.60 36.57
CA HIS B 60 13.98 27.38 37.36
C HIS B 60 14.10 26.09 38.19
N PHE B 61 15.05 25.22 37.80
CA PHE B 61 15.25 23.94 38.46
C PHE B 61 16.51 23.98 39.33
N THR B 62 16.49 23.22 40.43
CA THR B 62 17.64 23.03 41.29
C THR B 62 18.25 21.66 40.99
N PHE B 63 19.58 21.55 41.12
CA PHE B 63 20.32 20.38 40.67
C PHE B 63 21.18 19.89 41.82
N ARG B 64 21.22 18.56 42.01
CA ARG B 64 22.13 17.94 42.98
C ARG B 64 22.90 16.83 42.30
N PHE B 65 24.20 16.78 42.56
CA PHE B 65 25.10 15.88 41.85
C PHE B 65 25.52 14.77 42.81
N ILE B 66 25.31 13.53 42.37
CA ILE B 66 25.37 12.35 43.22
C ILE B 66 26.12 11.24 42.48
N LEU B 67 26.46 10.16 43.21
CA LEU B 67 26.76 8.86 42.64
C LEU B 67 28.11 8.81 41.91
N ASP B 68 28.77 9.97 41.74
CA ASP B 68 30.08 10.04 41.10
C ASP B 68 30.63 11.47 41.20
N ILE B 76 33.40 3.15 40.30
CA ILE B 76 33.40 4.25 39.28
C ILE B 76 34.71 5.02 39.41
N SER B 77 35.62 4.77 38.46
CA SER B 77 36.92 5.43 38.43
C SER B 77 37.60 5.18 37.07
N ASN B 78 37.66 3.90 36.67
CA ASN B 78 38.28 3.53 35.39
C ASN B 78 37.22 3.32 34.31
N LEU B 79 36.25 4.24 34.23
CA LEU B 79 35.12 4.08 33.32
C LEU B 79 35.22 5.12 32.21
N PRO B 80 35.21 4.71 30.92
CA PRO B 80 35.23 5.67 29.81
C PRO B 80 33.91 6.43 29.78
N THR B 81 33.96 7.65 29.25
CA THR B 81 32.77 8.48 29.08
C THR B 81 32.30 8.42 27.62
N HIS B 82 33.08 7.75 26.75
CA HIS B 82 32.76 7.68 25.32
C HIS B 82 32.27 6.28 24.96
N GLY B 83 31.40 6.23 23.93
CA GLY B 83 30.95 4.98 23.33
C GLY B 83 29.90 4.29 24.19
N PRO B 84 29.30 3.17 23.70
CA PRO B 84 28.46 2.31 24.54
C PRO B 84 29.22 1.57 25.64
N LEU B 85 30.40 2.08 26.00
CA LEU B 85 31.22 1.55 27.08
C LEU B 85 30.96 2.32 28.37
N ALA B 86 30.43 3.54 28.23
CA ALA B 86 30.11 4.40 29.36
C ALA B 86 28.81 3.97 30.02
N GLY B 87 27.95 3.29 29.25
CA GLY B 87 26.72 2.72 29.76
C GLY B 87 26.94 1.70 30.87
N MET B 88 28.19 1.23 31.03
CA MET B 88 28.60 0.40 32.15
C MET B 88 28.56 1.19 33.46
N ARG B 89 27.68 2.20 33.52
CA ARG B 89 27.45 3.01 34.71
C ARG B 89 26.10 2.62 35.30
N ILE B 90 25.15 2.28 34.42
CA ILE B 90 23.79 1.92 34.78
C ILE B 90 23.77 0.70 35.71
N PRO B 91 24.28 -0.48 35.29
CA PRO B 91 24.30 -1.65 36.16
C PRO B 91 25.11 -1.44 37.44
N ILE B 92 26.28 -0.82 37.31
CA ILE B 92 27.16 -0.56 38.45
C ILE B 92 26.47 0.32 39.50
N ILE B 93 25.79 1.40 39.08
CA ILE B 93 25.11 2.27 40.04
C ILE B 93 23.89 1.59 40.63
N ASN B 94 23.27 0.66 39.88
CA ASN B 94 22.09 -0.05 40.35
C ASN B 94 22.43 -0.86 41.59
N GLU B 95 23.46 -1.71 41.46
CA GLU B 95 23.83 -2.66 42.51
C GLU B 95 24.42 -1.91 43.71
N HIS B 96 25.08 -0.77 43.44
CA HIS B 96 25.96 -0.12 44.41
C HIS B 96 25.33 1.10 45.08
N GLY B 97 24.58 1.91 44.29
CA GLY B 97 24.32 3.29 44.66
C GLY B 97 23.19 3.50 45.65
N ALA B 98 22.65 2.39 46.21
CA ALA B 98 21.55 2.42 47.17
C ALA B 98 21.83 3.36 48.35
N ASP B 99 22.94 3.13 49.07
CA ASP B 99 23.30 3.91 50.25
C ASP B 99 23.52 5.38 49.91
N GLU B 100 24.07 5.65 48.73
CA GLU B 100 24.34 7.00 48.27
C GLU B 100 23.01 7.72 48.01
N LEU B 101 22.12 7.04 47.27
CA LEU B 101 20.81 7.59 46.96
C LEU B 101 19.92 7.70 48.20
N ARG B 102 20.07 6.77 49.15
CA ARG B 102 19.27 6.80 50.37
C ARG B 102 19.54 8.08 51.16
N ARG B 103 20.81 8.36 51.52
CA ARG B 103 21.12 9.54 52.30
C ARG B 103 20.49 10.78 51.66
N GLU B 104 20.83 11.02 50.38
CA GLU B 104 20.41 12.20 49.64
C GLU B 104 18.93 12.55 49.82
N LEU B 105 18.04 11.59 49.53
CA LEU B 105 16.61 11.80 49.64
C LEU B 105 16.21 12.19 51.07
N GLU B 106 16.89 11.66 52.09
CA GLU B 106 16.63 12.04 53.48
C GLU B 106 17.14 13.46 53.70
N LEU B 107 18.38 13.74 53.26
CA LEU B 107 19.05 15.02 53.45
C LEU B 107 18.35 16.13 52.66
N LEU B 108 17.48 15.73 51.72
CA LEU B 108 16.69 16.65 50.92
C LEU B 108 15.25 16.73 51.46
N MET B 109 14.71 15.59 51.93
CA MET B 109 13.33 15.51 52.41
C MET B 109 13.17 16.24 53.74
N LEU B 110 14.26 16.34 54.52
CA LEU B 110 14.18 16.89 55.87
C LEU B 110 13.59 18.30 55.81
N ALA B 111 14.21 19.19 55.01
CA ALA B 111 13.87 20.61 55.01
C ALA B 111 12.36 20.83 54.83
N GLU B 117 6.98 20.59 50.64
CA GLU B 117 6.91 19.13 50.88
C GLU B 117 7.24 18.35 49.62
N VAL B 118 7.96 17.22 49.79
CA VAL B 118 8.39 16.35 48.72
C VAL B 118 7.28 15.33 48.42
N SER B 119 6.51 15.60 47.36
CA SER B 119 5.36 14.81 46.98
C SER B 119 5.79 13.39 46.59
N CYS B 120 6.73 13.32 45.64
CA CYS B 120 7.18 12.07 45.06
C CYS B 120 8.59 12.24 44.48
N LEU B 121 9.11 11.15 43.89
CA LEU B 121 10.36 11.13 43.15
C LEU B 121 10.12 10.43 41.82
N ILE B 122 10.57 11.04 40.72
CA ILE B 122 10.38 10.44 39.39
C ILE B 122 11.74 10.07 38.80
N THR B 123 11.95 8.77 38.62
CA THR B 123 13.23 8.27 38.11
C THR B 123 13.06 7.59 36.79
N ASP B 124 14.15 7.14 36.20
CA ASP B 124 14.11 6.35 34.96
C ASP B 124 13.60 4.95 35.31
N ALA B 125 13.34 4.14 34.28
CA ALA B 125 13.00 2.74 34.47
C ALA B 125 14.28 1.93 34.69
N LEU B 126 15.38 2.35 34.03
CA LEU B 126 16.69 1.71 34.17
C LEU B 126 17.11 1.72 35.63
N TRP B 127 16.72 2.74 36.42
CA TRP B 127 16.97 2.79 37.85
C TRP B 127 15.97 1.92 38.63
N TYR B 128 15.95 0.62 38.34
CA TYR B 128 15.05 -0.30 39.03
C TYR B 128 15.27 -0.18 40.53
N PHE B 129 16.54 0.06 40.92
CA PHE B 129 16.96 0.08 42.33
C PHE B 129 16.35 1.28 43.07
N ALA B 130 15.92 2.32 42.35
CA ALA B 130 15.32 3.49 43.00
C ALA B 130 14.02 3.14 43.73
N GLN B 131 13.47 1.93 43.52
CA GLN B 131 12.23 1.54 44.20
C GLN B 131 12.51 1.09 45.64
N SER B 132 13.54 0.29 45.85
CA SER B 132 13.90 -0.13 47.20
C SER B 132 14.20 1.09 48.07
N VAL B 133 14.97 2.03 47.51
CA VAL B 133 15.37 3.20 48.27
C VAL B 133 14.10 3.99 48.61
N ALA B 134 13.26 4.25 47.60
CA ALA B 134 11.92 4.79 47.82
C ALA B 134 11.17 4.05 48.94
N ASP B 135 11.20 2.71 48.88
CA ASP B 135 10.49 1.84 49.81
C ASP B 135 10.98 2.07 51.24
N SER B 136 12.30 2.19 51.41
CA SER B 136 12.91 2.39 52.71
C SER B 136 12.70 3.82 53.23
N LEU B 137 12.18 4.71 52.37
CA LEU B 137 11.75 6.04 52.77
C LEU B 137 10.23 6.16 52.73
N ASN B 138 9.56 5.12 52.19
CA ASN B 138 8.12 5.10 52.07
C ASN B 138 7.66 6.32 51.25
N LEU B 139 8.52 6.71 50.29
CA LEU B 139 8.31 7.88 49.44
C LEU B 139 7.78 7.38 48.11
N ARG B 140 6.56 7.80 47.74
CA ARG B 140 5.94 7.29 46.53
C ARG B 140 6.78 7.63 45.30
N ARG B 141 7.11 6.58 44.53
CA ARG B 141 7.97 6.72 43.36
C ARG B 141 7.15 6.50 42.10
N LEU B 142 7.36 7.43 41.14
CA LEU B 142 6.88 7.34 39.78
C LEU B 142 8.05 6.88 38.92
N VAL B 143 7.77 6.24 37.78
CA VAL B 143 8.86 5.95 36.84
C VAL B 143 8.58 6.64 35.50
N LEU B 144 9.68 7.06 34.87
CA LEU B 144 9.67 7.60 33.52
C LEU B 144 10.10 6.47 32.58
N MET B 145 9.17 6.00 31.74
CA MET B 145 9.50 5.08 30.66
C MET B 145 10.04 5.88 29.48
N THR B 146 11.22 5.46 29.02
CA THR B 146 11.98 6.12 27.98
C THR B 146 11.46 5.68 26.62
N SER B 147 10.69 4.58 26.63
CA SER B 147 10.46 3.78 25.43
C SER B 147 8.96 3.52 25.29
N SER B 148 8.60 2.72 24.29
CA SER B 148 7.21 2.52 23.90
C SER B 148 6.45 1.65 24.91
N LEU B 149 5.14 1.51 24.67
CA LEU B 149 4.30 0.50 25.34
C LEU B 149 4.55 -0.86 24.69
N PHE B 150 4.87 -0.84 23.39
CA PHE B 150 5.22 -2.04 22.68
C PHE B 150 6.41 -2.72 23.37
N ASN B 151 7.48 -1.96 23.64
CA ASN B 151 8.72 -2.54 24.15
C ASN B 151 8.60 -2.95 25.61
N PHE B 152 7.70 -2.32 26.36
CA PHE B 152 7.36 -2.80 27.69
C PHE B 152 6.65 -4.13 27.57
N HIS B 153 5.71 -4.24 26.61
CA HIS B 153 4.94 -5.46 26.40
C HIS B 153 5.89 -6.62 26.14
N ALA B 154 6.86 -6.40 25.23
CA ALA B 154 7.93 -7.34 24.94
C ALA B 154 8.71 -7.69 26.22
N HIS B 155 9.22 -6.66 26.94
CA HIS B 155 10.07 -6.88 28.10
C HIS B 155 9.29 -7.48 29.28
N VAL B 156 7.97 -7.61 29.09
CA VAL B 156 7.08 -8.22 30.07
C VAL B 156 6.96 -9.71 29.76
N SER B 157 6.74 -10.04 28.49
CA SER B 157 6.58 -11.43 28.08
C SER B 157 7.83 -11.93 27.38
N LEU B 158 8.96 -11.83 28.09
CA LEU B 158 10.25 -12.26 27.57
C LEU B 158 10.38 -13.78 27.72
N PRO B 159 10.09 -14.36 28.91
CA PRO B 159 10.26 -15.81 29.10
C PRO B 159 9.67 -16.69 27.99
N GLN B 160 8.56 -16.23 27.40
CA GLN B 160 7.86 -16.96 26.34
C GLN B 160 8.77 -17.10 25.12
N PHE B 161 9.73 -16.17 24.97
CA PHE B 161 10.71 -16.22 23.89
C PHE B 161 11.76 -17.28 24.17
N ASP B 162 12.27 -17.31 25.42
CA ASP B 162 13.25 -18.32 25.83
C ASP B 162 12.69 -19.71 25.61
N GLU B 163 11.43 -19.91 26.02
CA GLU B 163 10.73 -21.17 25.86
C GLU B 163 10.77 -21.58 24.39
N LEU B 164 10.53 -20.63 23.46
CA LEU B 164 10.65 -20.88 22.04
C LEU B 164 12.14 -20.93 21.64
N GLY B 165 12.99 -20.30 22.45
CA GLY B 165 14.43 -20.25 22.17
C GLY B 165 14.78 -19.02 21.33
N TYR B 166 14.19 -17.88 21.71
CA TYR B 166 14.26 -16.63 20.96
C TYR B 166 14.14 -16.92 19.46
N GLU B 202 17.86 -11.17 34.32
CA GLU B 202 18.71 -10.27 33.51
C GLU B 202 18.59 -8.85 34.10
N ILE B 203 18.98 -7.84 33.34
CA ILE B 203 18.71 -6.46 33.72
C ILE B 203 17.22 -6.20 33.52
N PHE B 204 16.64 -6.84 32.51
CA PHE B 204 15.30 -6.51 32.02
C PHE B 204 14.23 -6.88 33.04
N GLU B 205 14.45 -7.92 33.85
CA GLU B 205 13.42 -8.43 34.77
C GLU B 205 13.34 -7.52 35.99
N ASN B 206 14.49 -7.05 36.48
CA ASN B 206 14.53 -6.00 37.48
C ASN B 206 13.69 -4.80 37.03
N ILE B 207 13.92 -4.37 35.78
CA ILE B 207 13.29 -3.19 35.20
C ILE B 207 11.77 -3.39 35.14
N THR B 208 11.33 -4.62 34.83
CA THR B 208 9.90 -4.92 34.71
C THR B 208 9.26 -4.99 36.09
N LYS B 209 9.98 -5.52 37.08
CA LYS B 209 9.49 -5.70 38.45
C LYS B 209 9.20 -4.38 39.17
N GLN B 210 10.15 -3.43 39.10
CA GLN B 210 10.07 -2.19 39.85
C GLN B 210 9.35 -1.11 39.04
N THR B 211 8.74 -1.51 37.91
CA THR B 211 7.81 -0.63 37.22
C THR B 211 6.40 -0.91 37.72
N LYS B 212 6.00 -2.19 37.69
CA LYS B 212 4.71 -2.65 38.20
C LYS B 212 4.58 -2.28 39.68
N ALA B 213 5.72 -2.29 40.39
CA ALA B 213 5.81 -1.93 41.80
C ALA B 213 5.65 -0.42 42.04
N SER B 214 5.77 0.42 41.01
CA SER B 214 5.82 1.86 41.24
C SER B 214 4.45 2.37 41.61
N SER B 215 4.37 3.68 41.93
CA SER B 215 3.15 4.37 42.30
C SER B 215 2.45 4.93 41.06
N GLY B 216 3.11 4.79 39.90
CA GLY B 216 2.56 5.28 38.65
C GLY B 216 3.65 5.32 37.58
N VAL B 217 3.22 5.17 36.33
CA VAL B 217 4.16 5.17 35.22
C VAL B 217 3.81 6.30 34.26
N ILE B 218 4.79 7.16 33.99
CA ILE B 218 4.62 8.23 33.04
C ILE B 218 5.20 7.75 31.72
N TRP B 219 4.33 7.62 30.73
CA TRP B 219 4.71 7.16 29.42
C TRP B 219 5.05 8.34 28.52
N ASN B 220 6.16 8.26 27.80
CA ASN B 220 6.41 9.18 26.71
C ASN B 220 5.83 8.61 25.41
N SER B 221 4.50 8.71 25.28
CA SER B 221 3.80 8.51 24.02
C SER B 221 2.42 9.16 24.09
N PHE B 222 1.62 8.98 23.03
CA PHE B 222 0.20 9.36 23.08
C PHE B 222 -0.64 8.12 22.79
N LYS B 223 -1.86 8.11 23.34
CA LYS B 223 -2.74 6.95 23.27
C LYS B 223 -2.99 6.55 21.83
N GLU B 224 -3.10 7.55 20.94
CA GLU B 224 -3.44 7.33 19.55
C GLU B 224 -2.31 6.60 18.83
N LEU B 225 -1.07 6.71 19.36
CA LEU B 225 0.10 6.08 18.76
C LEU B 225 0.21 4.62 19.19
N GLU B 226 -0.39 4.30 20.34
CA GLU B 226 -0.26 2.98 20.96
C GLU B 226 -1.61 2.63 21.60
N GLU B 227 -2.59 2.27 20.78
CA GLU B 227 -3.91 1.97 21.28
C GLU B 227 -4.04 0.47 21.51
N SER B 228 -3.23 -0.31 20.78
CA SER B 228 -3.19 -1.76 20.91
C SER B 228 -2.39 -2.20 22.14
N GLU B 229 -1.67 -1.26 22.77
CA GLU B 229 -0.77 -1.60 23.88
C GLU B 229 -1.30 -1.05 25.20
N LEU B 230 -2.50 -0.44 25.19
CA LEU B 230 -3.12 0.07 26.41
C LEU B 230 -3.58 -1.08 27.30
N GLU B 231 -3.73 -2.28 26.71
CA GLU B 231 -4.30 -3.43 27.39
C GLU B 231 -3.25 -4.06 28.29
N THR B 232 -2.06 -4.30 27.72
CA THR B 232 -0.95 -4.94 28.43
C THR B 232 -0.77 -4.24 29.78
N VAL B 233 -0.81 -2.90 29.74
CA VAL B 233 -0.32 -2.08 30.84
C VAL B 233 -1.37 -1.86 31.92
N ILE B 234 -2.67 -1.91 31.57
CA ILE B 234 -3.72 -1.84 32.57
C ILE B 234 -3.77 -3.16 33.36
N ARG B 235 -3.28 -4.25 32.76
CA ARG B 235 -3.22 -5.53 33.44
C ARG B 235 -1.89 -5.66 34.19
N GLU B 236 -0.79 -5.27 33.54
CA GLU B 236 0.54 -5.53 34.08
C GLU B 236 0.81 -4.62 35.29
N ILE B 237 0.36 -3.35 35.22
CA ILE B 237 0.76 -2.35 36.19
C ILE B 237 -0.44 -1.92 37.02
N PRO B 238 -0.51 -2.25 38.33
CA PRO B 238 -1.63 -1.83 39.18
C PRO B 238 -1.74 -0.33 39.46
N ALA B 239 -0.63 0.40 39.32
CA ALA B 239 -0.61 1.83 39.53
C ALA B 239 -0.91 2.56 38.22
N PRO B 240 -1.39 3.84 38.27
CA PRO B 240 -1.85 4.55 37.07
C PRO B 240 -0.69 4.97 36.17
N SER B 241 -1.01 5.25 34.90
CA SER B 241 0.00 5.57 33.91
C SER B 241 -0.50 6.62 32.93
N PHE B 242 0.42 7.40 32.36
CA PHE B 242 0.10 8.66 31.75
C PHE B 242 0.83 8.80 30.42
N LEU B 243 0.07 8.73 29.30
CA LEU B 243 0.59 8.88 27.95
C LEU B 243 0.64 10.36 27.57
N ILE B 244 1.86 10.91 27.52
CA ILE B 244 2.08 12.34 27.34
C ILE B 244 3.20 12.52 26.32
N PRO B 245 2.94 13.11 25.13
CA PRO B 245 3.96 13.25 24.10
C PRO B 245 4.80 14.46 24.47
N LEU B 246 5.98 14.20 25.06
CA LEU B 246 6.85 15.26 25.56
C LEU B 246 7.22 16.23 24.44
N PRO B 247 7.54 15.77 23.21
CA PRO B 247 7.82 16.71 22.11
C PRO B 247 6.67 17.66 21.75
N LYS B 248 5.42 17.31 22.12
CA LYS B 248 4.29 18.18 21.81
C LYS B 248 4.12 19.27 22.88
N HIS B 249 5.04 19.33 23.85
CA HIS B 249 5.03 20.40 24.82
C HIS B 249 6.30 21.23 24.68
N LEU B 250 7.45 20.56 24.51
CA LEU B 250 8.74 21.23 24.59
C LEU B 250 9.79 20.49 23.77
N THR B 251 10.92 21.14 23.55
CA THR B 251 12.05 20.51 22.87
C THR B 251 13.15 20.30 23.90
N ALA B 252 13.93 19.23 23.70
CA ALA B 252 15.04 18.90 24.57
C ALA B 252 16.30 19.59 24.06
N SER B 253 16.10 20.80 23.54
CA SER B 253 17.14 21.55 22.85
C SER B 253 18.06 22.22 23.87
N SER B 254 17.57 22.41 25.11
CA SER B 254 18.38 23.03 26.15
C SER B 254 18.90 21.99 27.13
N SER B 255 18.89 20.70 26.74
CA SER B 255 19.59 19.65 27.49
C SER B 255 20.46 18.79 26.59
N SER B 256 20.80 19.29 25.40
CA SER B 256 21.88 18.75 24.59
C SER B 256 23.19 18.77 25.38
N LEU B 257 24.01 17.73 25.20
CA LEU B 257 25.34 17.68 25.77
C LEU B 257 26.36 18.23 24.79
N LEU B 258 25.98 18.35 23.51
CA LEU B 258 26.82 18.92 22.46
C LEU B 258 26.32 20.31 22.02
N ASP B 259 27.26 21.18 21.62
CA ASP B 259 26.98 22.42 20.90
C ASP B 259 26.17 22.17 19.64
N HIS B 260 25.06 22.90 19.47
CA HIS B 260 24.27 22.88 18.24
C HIS B 260 24.93 23.71 17.14
N ASP B 261 24.55 23.42 15.89
CA ASP B 261 25.15 24.05 14.72
C ASP B 261 24.04 24.61 13.84
N ARG B 262 23.69 25.89 14.09
CA ARG B 262 22.50 26.50 13.53
C ARG B 262 22.75 27.04 12.13
N THR B 263 23.90 26.68 11.53
CA THR B 263 24.21 27.03 10.15
C THR B 263 23.15 26.48 9.19
N VAL B 264 22.41 25.45 9.65
CA VAL B 264 21.56 24.61 8.81
C VAL B 264 20.22 25.27 8.53
N PHE B 265 19.81 26.24 9.35
CA PHE B 265 18.52 26.90 9.22
C PHE B 265 18.57 27.96 8.13
N PRO B 266 19.67 28.75 7.96
CA PRO B 266 19.88 29.54 6.74
C PRO B 266 19.78 28.68 5.48
N TRP B 267 20.36 27.47 5.54
CA TRP B 267 20.41 26.54 4.42
C TRP B 267 19.04 25.94 4.14
N LEU B 268 18.38 25.40 5.18
CA LEU B 268 17.04 24.82 5.08
C LEU B 268 16.07 25.85 4.50
N ASP B 269 16.10 27.07 5.05
CA ASP B 269 15.23 28.15 4.61
C ASP B 269 15.24 28.31 3.08
N GLN B 270 16.41 28.14 2.47
CA GLN B 270 16.55 28.22 1.02
C GLN B 270 16.10 26.94 0.33
N GLN B 271 15.94 25.84 1.08
CA GLN B 271 15.49 24.58 0.48
C GLN B 271 13.97 24.61 0.36
N PRO B 272 13.38 24.12 -0.76
CA PRO B 272 11.93 24.16 -0.97
C PRO B 272 11.14 23.02 -0.32
N SER B 273 9.86 23.29 -0.06
CA SER B 273 9.02 22.47 0.81
C SER B 273 9.25 20.97 0.62
N ARG B 274 9.72 20.32 1.70
CA ARG B 274 9.73 18.87 1.84
C ARG B 274 10.57 18.23 0.75
N SER B 275 11.87 18.51 0.80
CA SER B 275 12.84 18.06 -0.19
C SER B 275 14.15 17.63 0.46
N VAL B 276 14.27 17.78 1.79
CA VAL B 276 15.46 17.40 2.54
C VAL B 276 15.14 16.17 3.37
N LEU B 277 15.72 15.03 2.97
CA LEU B 277 15.84 13.89 3.86
C LEU B 277 16.72 14.29 5.05
N TYR B 278 16.18 14.11 6.26
CA TYR B 278 16.95 14.27 7.49
C TYR B 278 17.58 12.92 7.83
N VAL B 279 18.80 12.94 8.36
CA VAL B 279 19.54 11.71 8.59
C VAL B 279 20.30 11.81 9.91
N SER B 280 19.88 11.02 10.89
CA SER B 280 20.52 11.05 12.20
C SER B 280 20.34 9.69 12.85
N PHE B 281 21.43 9.14 13.40
CA PHE B 281 21.51 7.76 13.85
C PHE B 281 21.86 7.71 15.34
N GLY B 282 21.32 8.69 16.09
CA GLY B 282 21.32 8.62 17.54
C GLY B 282 22.50 9.36 18.15
N SER B 283 22.50 9.40 19.48
CA SER B 283 23.59 9.92 20.29
C SER B 283 24.67 8.87 20.56
N ALA B 284 24.37 7.59 20.32
CA ALA B 284 25.29 6.51 20.64
C ALA B 284 25.16 5.39 19.62
N THR B 285 25.61 5.68 18.40
CA THR B 285 25.75 4.69 17.34
C THR B 285 27.18 4.74 16.81
N GLU B 286 27.61 3.58 16.29
CA GLU B 286 28.86 3.44 15.58
C GLU B 286 28.52 2.72 14.28
N VAL B 287 29.34 2.90 13.23
CA VAL B 287 29.27 2.07 12.04
C VAL B 287 30.68 1.88 11.48
N ASP B 288 30.86 0.75 10.77
CA ASP B 288 32.11 0.40 10.12
C ASP B 288 32.31 1.33 8.93
N GLU B 289 33.57 1.51 8.53
CA GLU B 289 33.95 2.53 7.55
C GLU B 289 33.42 2.16 6.17
N LYS B 290 33.20 0.86 5.93
CA LYS B 290 32.52 0.40 4.72
C LYS B 290 31.08 0.92 4.71
N ASP B 291 30.37 0.69 5.82
CA ASP B 291 28.95 0.99 5.91
C ASP B 291 28.72 2.50 5.87
N PHE B 292 29.74 3.26 6.24
CA PHE B 292 29.67 4.72 6.22
C PHE B 292 29.64 5.24 4.79
N LEU B 293 30.54 4.73 3.94
CA LEU B 293 30.55 5.10 2.54
C LEU B 293 29.29 4.57 1.85
N GLU B 294 28.81 3.42 2.33
CA GLU B 294 27.66 2.73 1.75
C GLU B 294 26.39 3.52 2.03
N ILE B 295 26.22 3.95 3.28
CA ILE B 295 25.29 5.01 3.59
C ILE B 295 25.53 6.13 2.58
N ALA B 296 26.76 6.68 2.59
CA ALA B 296 27.12 7.80 1.72
C ALA B 296 26.54 7.61 0.31
N ARG B 297 26.79 6.45 -0.30
CA ARG B 297 26.56 6.22 -1.72
C ARG B 297 25.08 6.29 -2.07
N GLY B 298 24.22 5.72 -1.21
CA GLY B 298 22.77 5.80 -1.38
C GLY B 298 22.24 7.24 -1.46
N LEU B 299 22.73 8.13 -0.58
CA LEU B 299 22.26 9.51 -0.52
C LEU B 299 22.55 10.19 -1.85
N VAL B 300 23.67 9.80 -2.45
CA VAL B 300 23.99 10.23 -3.81
C VAL B 300 22.96 9.59 -4.73
N ASP B 301 22.82 8.26 -4.65
CA ASP B 301 22.04 7.47 -5.61
C ASP B 301 20.56 7.88 -5.65
N SER B 302 19.98 8.27 -4.50
CA SER B 302 18.61 8.77 -4.49
C SER B 302 18.59 10.16 -5.11
N LYS B 303 19.74 10.85 -5.01
CA LYS B 303 20.00 12.13 -5.66
C LYS B 303 19.03 13.20 -5.16
N GLN B 304 18.36 12.93 -4.03
CA GLN B 304 17.60 13.95 -3.33
C GLN B 304 18.57 14.83 -2.55
N SER B 305 18.03 15.90 -1.95
CA SER B 305 18.78 16.74 -1.04
C SER B 305 18.82 16.05 0.32
N PHE B 306 19.90 16.22 1.08
CA PHE B 306 19.99 15.62 2.40
C PHE B 306 20.79 16.50 3.35
N LEU B 307 20.41 16.44 4.64
CA LEU B 307 21.18 16.98 5.74
C LEU B 307 21.45 15.83 6.70
N TRP B 308 22.74 15.54 6.92
CA TRP B 308 23.16 14.35 7.65
C TRP B 308 23.86 14.74 8.93
N VAL B 309 23.35 14.27 10.07
CA VAL B 309 24.04 14.40 11.34
C VAL B 309 24.94 13.18 11.49
N VAL B 310 26.26 13.42 11.47
CA VAL B 310 27.25 12.40 11.76
C VAL B 310 27.96 12.82 13.04
N ARG B 311 27.65 12.09 14.11
CA ARG B 311 28.40 12.13 15.34
C ARG B 311 29.91 12.06 15.04
N PRO B 312 30.75 12.97 15.58
CA PRO B 312 32.19 12.72 15.61
C PRO B 312 32.46 11.50 16.49
N GLY B 313 32.66 10.34 15.85
CA GLY B 313 32.83 9.08 16.57
C GLY B 313 31.94 7.96 16.02
N PHE B 314 30.92 8.34 15.24
CA PHE B 314 30.07 7.38 14.54
C PHE B 314 30.98 6.44 13.76
N VAL B 315 31.76 7.01 12.84
CA VAL B 315 32.59 6.24 11.93
C VAL B 315 33.80 5.70 12.69
N LYS B 316 33.89 4.36 12.77
CA LYS B 316 34.90 3.65 13.57
C LYS B 316 36.30 4.00 13.08
N GLY B 317 37.18 4.38 14.03
CA GLY B 317 38.57 4.62 13.73
C GLY B 317 38.76 5.77 12.74
N SER B 318 38.07 6.87 13.01
CA SER B 318 38.34 8.16 12.39
C SER B 318 37.70 9.25 13.25
N THR B 319 38.17 10.49 13.12
CA THR B 319 37.74 11.54 14.02
C THR B 319 36.26 11.81 13.79
N TRP B 320 35.89 11.98 12.51
CA TRP B 320 34.59 12.51 12.13
C TRP B 320 34.14 11.91 10.80
N VAL B 321 34.62 12.46 9.68
CA VAL B 321 34.16 12.08 8.36
C VAL B 321 35.35 12.17 7.39
N GLU B 322 36.52 11.73 7.86
CA GLU B 322 37.74 11.76 7.08
C GLU B 322 37.61 10.83 5.86
N PRO B 323 36.93 9.67 5.97
CA PRO B 323 36.70 8.80 4.80
C PRO B 323 36.09 9.48 3.58
N LEU B 324 34.91 10.11 3.75
CA LEU B 324 34.19 10.76 2.66
C LEU B 324 35.18 11.41 1.70
N PRO B 325 35.35 10.88 0.47
CA PRO B 325 36.17 11.55 -0.53
C PRO B 325 35.42 12.81 -0.98
N ASP B 326 36.18 13.87 -1.25
CA ASP B 326 35.63 15.14 -1.72
C ASP B 326 35.73 15.19 -3.25
N GLY B 327 34.72 14.61 -3.92
CA GLY B 327 34.62 14.64 -5.37
C GLY B 327 33.34 15.33 -5.82
N PHE B 328 32.21 14.65 -5.64
CA PHE B 328 30.90 15.14 -6.06
C PHE B 328 29.93 15.01 -4.88
N LEU B 329 30.27 15.69 -3.78
CA LEU B 329 29.41 15.75 -2.61
C LEU B 329 28.30 16.77 -2.86
N GLY B 330 28.64 17.86 -3.57
CA GLY B 330 27.66 18.72 -4.22
C GLY B 330 27.15 19.84 -3.30
N GLU B 331 25.88 20.21 -3.51
CA GLU B 331 25.20 21.20 -2.69
C GLU B 331 23.83 20.69 -2.25
N ARG B 332 23.45 19.48 -2.69
CA ARG B 332 22.25 18.79 -2.22
C ARG B 332 22.45 18.26 -0.80
N GLY B 333 23.70 17.97 -0.43
CA GLY B 333 24.02 17.41 0.87
C GLY B 333 24.57 18.46 1.84
N ARG B 334 24.54 18.11 3.14
CA ARG B 334 25.41 18.74 4.12
C ARG B 334 25.64 17.74 5.26
N ILE B 335 26.80 17.88 5.91
CA ILE B 335 27.22 17.02 7.01
C ILE B 335 27.57 17.91 8.20
N VAL B 336 26.76 17.79 9.26
CA VAL B 336 26.94 18.53 10.50
C VAL B 336 27.20 17.55 11.63
N LYS B 337 27.71 18.05 12.76
CA LYS B 337 28.12 17.20 13.87
C LYS B 337 26.90 16.86 14.73
N TRP B 338 26.02 17.86 14.90
CA TRP B 338 24.98 17.79 15.91
C TRP B 338 24.06 19.00 15.74
N VAL B 339 22.77 18.76 15.47
CA VAL B 339 21.83 19.85 15.26
C VAL B 339 20.85 19.88 16.42
N PRO B 340 19.92 20.89 16.48
CA PRO B 340 18.69 20.80 17.28
C PRO B 340 17.57 20.29 16.40
N GLN B 341 17.23 19.01 16.61
CA GLN B 341 16.59 18.14 15.64
C GLN B 341 15.13 18.51 15.42
N GLN B 342 14.31 18.37 16.47
CA GLN B 342 12.87 18.58 16.37
C GLN B 342 12.58 19.86 15.58
N GLU B 343 13.51 20.83 15.66
CA GLU B 343 13.35 22.10 14.95
C GLU B 343 13.77 21.96 13.50
N VAL B 344 14.77 21.12 13.22
CA VAL B 344 15.03 20.69 11.86
C VAL B 344 13.77 20.01 11.33
N LEU B 345 13.27 19.00 12.05
CA LEU B 345 12.09 18.24 11.67
C LEU B 345 10.87 19.14 11.47
N ALA B 346 10.81 20.22 12.27
CA ALA B 346 9.72 21.17 12.22
C ALA B 346 9.76 21.94 10.90
N HIS B 347 10.96 22.21 10.40
CA HIS B 347 11.13 23.03 9.21
C HIS B 347 10.37 22.39 8.05
N GLY B 348 9.66 23.23 7.28
CA GLY B 348 8.87 22.77 6.14
C GLY B 348 9.72 22.10 5.06
N ALA B 349 11.04 22.28 5.12
CA ALA B 349 11.96 21.82 4.10
C ALA B 349 12.29 20.33 4.23
N ILE B 350 11.88 19.70 5.34
CA ILE B 350 12.24 18.32 5.63
C ILE B 350 11.13 17.39 5.13
N GLY B 351 11.49 16.40 4.30
CA GLY B 351 10.54 15.52 3.62
C GLY B 351 10.48 14.11 4.22
N ALA B 352 11.60 13.59 4.72
CA ALA B 352 11.64 12.27 5.34
C ALA B 352 12.77 12.20 6.36
N PHE B 353 12.77 11.18 7.21
CA PHE B 353 13.79 11.05 8.25
C PHE B 353 14.36 9.63 8.28
N TRP B 354 15.63 9.51 7.84
CA TRP B 354 16.42 8.31 8.07
C TRP B 354 16.97 8.29 9.50
N THR B 355 16.25 7.64 10.43
CA THR B 355 16.64 7.53 11.83
C THR B 355 17.11 6.11 12.15
N HIS B 356 17.69 5.95 13.35
CA HIS B 356 18.08 4.64 13.84
C HIS B 356 16.97 4.01 14.67
N SER B 357 15.83 4.72 14.79
CA SER B 357 14.64 4.20 15.46
C SER B 357 14.81 4.19 16.98
N GLY B 358 15.62 5.13 17.50
CA GLY B 358 15.60 5.44 18.92
C GLY B 358 14.30 6.16 19.24
N TRP B 359 13.71 5.87 20.42
CA TRP B 359 12.31 6.20 20.65
C TRP B 359 12.08 7.71 20.69
N ASN B 360 13.04 8.48 21.23
CA ASN B 360 12.90 9.93 21.19
C ASN B 360 12.77 10.38 19.73
N SER B 361 13.73 9.97 18.88
CA SER B 361 13.77 10.39 17.49
C SER B 361 12.41 10.11 16.85
N THR B 362 12.04 8.81 16.78
CA THR B 362 10.79 8.38 16.19
C THR B 362 9.64 9.32 16.57
N LEU B 363 9.25 9.28 17.85
CA LEU B 363 8.10 10.00 18.37
C LEU B 363 8.15 11.47 17.97
N GLU B 364 9.36 12.03 17.83
CA GLU B 364 9.50 13.44 17.50
C GLU B 364 9.00 13.70 16.09
N SER B 365 9.50 12.95 15.10
CA SER B 365 9.20 13.22 13.70
C SER B 365 7.76 12.83 13.34
N VAL B 366 7.18 11.84 14.04
CA VAL B 366 5.76 11.55 13.92
C VAL B 366 4.95 12.75 14.43
N CYS B 367 5.40 13.35 15.55
CA CYS B 367 4.77 14.52 16.15
C CYS B 367 4.96 15.81 15.33
N GLU B 368 5.89 15.81 14.37
CA GLU B 368 5.91 16.92 13.41
C GLU B 368 5.73 16.38 11.99
N GLY B 369 5.22 15.14 11.88
CA GLY B 369 4.57 14.67 10.67
C GLY B 369 5.55 14.11 9.65
N VAL B 370 6.81 13.93 10.05
CA VAL B 370 7.85 13.58 9.09
C VAL B 370 7.87 12.05 8.94
N PRO B 371 7.76 11.54 7.68
CA PRO B 371 8.01 10.11 7.39
C PRO B 371 9.47 9.71 7.55
N MET B 372 9.72 8.38 7.55
CA MET B 372 10.90 7.82 8.19
C MET B 372 11.44 6.57 7.49
N ILE B 373 12.59 6.72 6.81
CA ILE B 373 13.44 5.58 6.47
C ILE B 373 14.10 5.06 7.76
N PHE B 374 13.71 3.85 8.20
CA PHE B 374 14.15 3.33 9.49
C PHE B 374 15.42 2.48 9.35
N SER B 375 16.19 2.40 10.45
CA SER B 375 17.32 1.49 10.63
C SER B 375 17.36 1.08 12.09
N ASP B 376 18.24 0.15 12.48
CA ASP B 376 18.29 -0.27 13.88
C ASP B 376 19.74 -0.51 14.34
N PHE B 377 19.95 -0.36 15.66
CA PHE B 377 21.17 -0.78 16.33
C PHE B 377 20.80 -1.35 17.70
N GLY B 378 20.08 -2.48 17.68
CA GLY B 378 19.85 -3.27 18.89
C GLY B 378 18.92 -2.58 19.87
N LEU B 379 18.78 -3.20 21.04
CA LEU B 379 17.97 -2.67 22.13
C LEU B 379 16.51 -2.69 21.66
N ASP B 380 15.90 -1.51 21.53
CA ASP B 380 14.48 -1.38 21.23
C ASP B 380 14.29 -0.81 19.82
N GLN B 381 15.38 -0.70 19.06
CA GLN B 381 15.40 0.00 17.78
C GLN B 381 14.92 -0.89 16.63
N PRO B 382 14.92 -2.23 16.77
CA PRO B 382 14.19 -3.09 15.82
C PRO B 382 12.67 -3.04 16.00
N LEU B 383 12.22 -3.11 17.27
CA LEU B 383 10.80 -3.15 17.59
C LEU B 383 10.15 -1.80 17.33
N ASN B 384 10.87 -0.71 17.64
CA ASN B 384 10.50 0.64 17.24
C ASN B 384 10.49 0.75 15.72
N ALA B 385 11.44 0.07 15.07
CA ALA B 385 11.47 -0.01 13.62
C ALA B 385 10.26 -0.80 13.11
N ARG B 386 9.78 -1.75 13.93
CA ARG B 386 8.73 -2.66 13.50
C ARG B 386 7.39 -1.93 13.45
N TYR B 387 6.71 -1.78 14.58
CA TYR B 387 5.29 -1.45 14.57
C TYR B 387 5.05 -0.01 14.12
N MET B 388 6.13 0.77 13.94
CA MET B 388 6.02 2.07 13.29
C MET B 388 5.88 1.86 11.79
N SER B 389 6.25 0.69 11.30
CA SER B 389 6.26 0.45 9.83
C SER B 389 5.22 -0.58 9.40
N ASP B 390 4.70 -1.38 10.32
CA ASP B 390 3.79 -2.43 9.94
C ASP B 390 2.42 -2.28 10.61
N VAL B 391 2.31 -1.37 11.59
CA VAL B 391 1.02 -0.96 12.12
C VAL B 391 0.66 0.40 11.53
N LEU B 392 1.46 1.42 11.90
CA LEU B 392 1.16 2.81 11.58
C LEU B 392 1.59 3.13 10.15
N LYS B 393 2.66 2.48 9.69
CA LYS B 393 3.13 2.63 8.32
C LYS B 393 3.46 4.10 8.06
N VAL B 394 4.22 4.71 8.99
CA VAL B 394 4.63 6.10 8.89
C VAL B 394 6.11 6.17 8.50
N GLY B 395 6.56 5.23 7.67
CA GLY B 395 7.96 5.15 7.28
C GLY B 395 8.39 3.71 7.02
N VAL B 396 9.57 3.55 6.40
CA VAL B 396 10.04 2.31 5.83
C VAL B 396 11.32 1.86 6.52
N TYR B 397 11.48 0.55 6.65
CA TYR B 397 12.55 -0.06 7.43
C TYR B 397 13.40 -0.91 6.50
N LEU B 398 14.64 -0.46 6.29
CA LEU B 398 15.64 -1.19 5.51
C LEU B 398 16.03 -2.44 6.30
N GLU B 399 15.18 -3.46 6.18
CA GLU B 399 15.20 -4.67 6.97
C GLU B 399 16.61 -5.23 7.10
N ASN B 400 17.29 -5.38 5.95
CA ASN B 400 18.52 -6.15 5.88
C ASN B 400 19.64 -5.30 5.27
N GLY B 401 20.51 -4.79 6.14
CA GLY B 401 21.81 -4.27 5.75
C GLY B 401 21.72 -2.86 5.18
N TRP B 402 22.89 -2.22 5.08
CA TRP B 402 23.07 -0.96 4.38
C TRP B 402 23.60 -1.25 2.98
N GLU B 403 22.71 -1.26 1.99
CA GLU B 403 23.09 -1.52 0.61
C GLU B 403 22.57 -0.38 -0.26
N ARG B 404 23.51 0.24 -1.00
CA ARG B 404 23.21 1.33 -1.91
C ARG B 404 21.79 1.23 -2.45
N GLY B 405 21.37 0.00 -2.81
CA GLY B 405 20.14 -0.22 -3.54
C GLY B 405 18.90 -0.04 -2.68
N GLU B 406 18.91 -0.64 -1.49
CA GLU B 406 17.76 -0.65 -0.60
C GLU B 406 17.57 0.74 -0.01
N ILE B 407 18.68 1.45 0.19
CA ILE B 407 18.69 2.81 0.74
C ILE B 407 18.09 3.77 -0.28
N ALA B 408 18.64 3.76 -1.49
CA ALA B 408 18.25 4.69 -2.54
C ALA B 408 16.75 4.61 -2.81
N ASN B 409 16.19 3.40 -2.71
CA ASN B 409 14.80 3.14 -3.04
C ASN B 409 13.87 3.61 -1.94
N ALA B 410 14.28 3.38 -0.68
CA ALA B 410 13.45 3.71 0.47
C ALA B 410 13.36 5.22 0.65
N ILE B 411 14.39 5.95 0.21
CA ILE B 411 14.37 7.41 0.15
C ILE B 411 13.47 7.84 -0.99
N ARG B 412 13.61 7.18 -2.15
CA ARG B 412 12.77 7.47 -3.30
C ARG B 412 11.33 7.20 -2.91
N ARG B 413 11.07 5.95 -2.54
CA ARG B 413 9.75 5.45 -2.17
C ARG B 413 9.01 6.51 -1.36
N VAL B 414 9.64 7.04 -0.31
CA VAL B 414 8.91 7.79 0.71
C VAL B 414 8.88 9.29 0.41
N MET B 415 9.79 9.81 -0.42
CA MET B 415 9.79 11.23 -0.70
C MET B 415 9.22 11.55 -2.07
N VAL B 416 9.55 10.73 -3.09
CA VAL B 416 9.27 11.06 -4.48
C VAL B 416 8.27 10.07 -5.08
N ASP B 417 8.65 8.79 -5.22
CA ASP B 417 7.89 7.84 -6.02
C ASP B 417 6.44 7.77 -5.52
N GLU B 418 5.50 7.55 -6.44
CA GLU B 418 4.08 7.66 -6.17
C GLU B 418 3.65 6.54 -5.21
N GLU B 419 4.18 5.35 -5.46
CA GLU B 419 4.37 4.28 -4.50
C GLU B 419 4.07 4.68 -3.05
N GLY B 420 4.69 5.77 -2.57
CA GLY B 420 4.80 6.03 -1.15
C GLY B 420 3.56 6.63 -0.51
N GLU B 421 2.95 7.62 -1.18
CA GLU B 421 1.99 8.55 -0.58
C GLU B 421 1.33 7.99 0.68
N TYR B 422 0.73 6.79 0.62
CA TYR B 422 -0.06 6.27 1.73
C TYR B 422 0.69 6.52 3.04
N ILE B 423 2.01 6.26 3.03
CA ILE B 423 2.89 6.55 4.15
C ILE B 423 2.76 8.02 4.56
N ARG B 424 3.10 8.93 3.63
CA ARG B 424 3.13 10.35 3.89
C ARG B 424 1.78 10.85 4.42
N GLN B 425 0.69 10.20 3.97
CA GLN B 425 -0.62 10.45 4.54
C GLN B 425 -0.63 10.07 6.02
N ASN B 426 -0.07 8.90 6.34
CA ASN B 426 -0.12 8.38 7.69
C ASN B 426 0.63 9.31 8.64
N ALA B 427 1.68 9.94 8.11
CA ALA B 427 2.43 10.95 8.85
C ALA B 427 1.52 12.06 9.34
N ARG B 428 0.67 12.59 8.44
CA ARG B 428 -0.11 13.79 8.70
C ARG B 428 -1.38 13.46 9.50
N VAL B 429 -1.83 12.22 9.43
CA VAL B 429 -2.97 11.78 10.22
C VAL B 429 -2.53 11.58 11.67
N LEU B 430 -1.27 11.20 11.86
CA LEU B 430 -0.73 10.90 13.17
C LEU B 430 -0.16 12.15 13.84
N LYS B 431 0.33 13.09 13.00
CA LYS B 431 0.73 14.41 13.44
C LYS B 431 -0.46 15.07 14.11
N GLN B 432 -1.65 14.95 13.48
CA GLN B 432 -2.82 15.70 13.90
C GLN B 432 -3.39 15.05 15.16
N LYS B 433 -3.39 13.71 15.21
CA LYS B 433 -3.91 12.99 16.36
C LYS B 433 -3.11 13.32 17.62
N ALA B 434 -1.89 13.83 17.46
CA ALA B 434 -1.07 14.27 18.57
C ALA B 434 -1.37 15.74 18.90
N ASP B 435 -1.67 16.53 17.86
CA ASP B 435 -2.30 17.83 18.04
C ASP B 435 -3.58 17.63 18.86
N VAL B 436 -4.43 16.70 18.42
CA VAL B 436 -5.75 16.54 19.02
C VAL B 436 -5.57 16.20 20.49
N SER B 437 -4.58 15.33 20.78
CA SER B 437 -4.27 14.86 22.13
C SER B 437 -4.24 16.01 23.15
N LEU B 438 -3.64 17.15 22.77
CA LEU B 438 -3.28 18.19 23.72
C LEU B 438 -4.43 19.16 23.95
N MET B 439 -5.20 19.46 22.91
CA MET B 439 -6.41 20.26 23.10
C MET B 439 -7.26 19.64 24.19
N LYS B 440 -8.08 20.46 24.86
CA LYS B 440 -9.12 19.94 25.72
C LYS B 440 -9.93 18.92 24.94
N GLY B 441 -10.04 17.70 25.48
CA GLY B 441 -10.76 16.61 24.82
C GLY B 441 -9.87 15.40 24.57
N GLY B 442 -8.61 15.64 24.21
CA GLY B 442 -7.70 14.59 23.78
C GLY B 442 -7.09 13.83 24.95
N SER B 443 -6.47 12.68 24.64
CA SER B 443 -5.92 11.74 25.61
C SER B 443 -4.97 12.44 26.58
N SER B 444 -3.89 12.99 26.01
CA SER B 444 -2.75 13.44 26.78
C SER B 444 -3.06 14.74 27.50
N TYR B 445 -3.96 15.54 26.92
CA TYR B 445 -4.50 16.69 27.63
C TYR B 445 -5.08 16.20 28.94
N GLU B 446 -5.95 15.18 28.82
CA GLU B 446 -6.62 14.58 29.96
C GLU B 446 -5.61 13.86 30.85
N SER B 447 -4.64 13.14 30.25
CA SER B 447 -3.61 12.46 31.00
C SER B 447 -2.97 13.45 31.98
N LEU B 448 -2.44 14.53 31.43
CA LEU B 448 -1.60 15.45 32.18
C LEU B 448 -2.37 15.99 33.40
N GLU B 449 -3.64 16.33 33.22
CA GLU B 449 -4.46 16.80 34.33
C GLU B 449 -4.56 15.74 35.41
N SER B 450 -4.82 14.49 35.02
CA SER B 450 -4.90 13.38 35.96
C SER B 450 -3.59 13.21 36.73
N LEU B 451 -2.50 13.02 35.98
CA LEU B 451 -1.16 12.94 36.50
C LEU B 451 -0.83 14.11 37.43
N VAL B 452 -1.28 15.32 37.10
CA VAL B 452 -1.04 16.45 37.97
C VAL B 452 -1.95 16.34 39.19
N SER B 453 -3.21 15.91 38.96
CA SER B 453 -4.11 15.62 40.05
C SER B 453 -3.54 14.55 40.98
N TYR B 454 -2.69 13.68 40.42
CA TYR B 454 -2.22 12.51 41.13
C TYR B 454 -1.05 12.85 42.05
N ILE B 455 -0.24 13.83 41.67
CA ILE B 455 0.94 14.19 42.46
C ILE B 455 0.56 15.23 43.52
N SER B 456 -0.64 15.81 43.41
CA SER B 456 -1.22 16.60 44.47
C SER B 456 -1.70 15.69 45.60
N SER B 457 -2.10 14.46 45.26
CA SER B 457 -2.61 13.47 46.22
C SER B 457 -1.49 12.95 47.10
N LEU B 458 -0.27 12.82 46.55
CA LEU B 458 0.83 12.20 47.27
C LEU B 458 1.44 13.23 48.24
N ARG C 12 5.77 -12.18 -34.31
CA ARG C 12 6.20 -11.53 -33.04
C ARG C 12 5.30 -12.02 -31.92
N ARG C 13 5.47 -13.30 -31.55
CA ARG C 13 4.53 -14.01 -30.71
C ARG C 13 5.06 -14.02 -29.27
N ARG C 14 4.27 -13.47 -28.34
CA ARG C 14 4.71 -13.16 -27.00
C ARG C 14 4.18 -14.21 -26.01
N ILE C 15 5.01 -14.60 -25.03
CA ILE C 15 4.63 -15.55 -24.00
C ILE C 15 4.82 -14.89 -22.64
N ILE C 16 3.86 -15.11 -21.72
CA ILE C 16 3.97 -14.71 -20.33
C ILE C 16 4.34 -15.93 -19.48
N LEU C 17 5.46 -15.81 -18.77
CA LEU C 17 5.84 -16.81 -17.77
C LEU C 17 5.35 -16.29 -16.41
N PHE C 18 5.45 -17.13 -15.38
CA PHE C 18 5.00 -16.74 -14.05
C PHE C 18 5.62 -17.69 -13.03
N PRO C 19 6.79 -17.36 -12.46
CA PRO C 19 7.45 -18.23 -11.47
C PRO C 19 6.81 -18.05 -10.10
N VAL C 20 7.03 -19.05 -9.24
CA VAL C 20 6.77 -18.94 -7.82
C VAL C 20 8.02 -18.35 -7.19
N PRO C 21 7.93 -17.17 -6.55
CA PRO C 21 9.13 -16.44 -6.11
C PRO C 21 9.91 -17.21 -5.04
N PHE C 22 10.55 -18.31 -5.49
CA PHE C 22 11.42 -19.11 -4.65
C PHE C 22 12.48 -19.75 -5.54
N GLN C 23 13.70 -19.85 -5.01
CA GLN C 23 14.92 -20.16 -5.76
C GLN C 23 14.88 -21.51 -6.49
N GLY C 24 13.90 -22.36 -6.15
CA GLY C 24 13.72 -23.64 -6.84
C GLY C 24 12.68 -23.57 -7.97
N HIS C 25 11.82 -22.55 -7.97
CA HIS C 25 10.88 -22.34 -9.06
C HIS C 25 11.38 -21.26 -10.02
N ILE C 26 12.36 -20.47 -9.57
CA ILE C 26 12.83 -19.34 -10.35
C ILE C 26 13.87 -19.82 -11.36
N ASN C 27 14.79 -20.70 -10.94
CA ASN C 27 15.80 -21.13 -11.88
C ASN C 27 15.09 -21.75 -13.08
N PRO C 28 14.35 -22.87 -12.91
CA PRO C 28 13.78 -23.57 -14.06
C PRO C 28 12.85 -22.70 -14.91
N MET C 29 12.08 -21.81 -14.28
CA MET C 29 11.18 -21.01 -15.09
C MET C 29 12.00 -20.25 -16.11
N LEU C 30 13.01 -19.52 -15.60
CA LEU C 30 13.85 -18.63 -16.39
C LEU C 30 14.74 -19.43 -17.35
N GLN C 31 15.26 -20.58 -16.89
CA GLN C 31 15.95 -21.52 -17.77
C GLN C 31 15.12 -21.78 -19.02
N LEU C 32 13.79 -21.90 -18.87
CA LEU C 32 12.89 -22.19 -19.98
C LEU C 32 12.53 -20.91 -20.72
N ALA C 33 12.54 -19.77 -20.02
CA ALA C 33 12.39 -18.47 -20.64
C ALA C 33 13.48 -18.26 -21.70
N ASN C 34 14.74 -18.39 -21.29
CA ASN C 34 15.88 -18.22 -22.18
C ASN C 34 15.73 -19.13 -23.42
N VAL C 35 15.60 -20.44 -23.18
CA VAL C 35 15.49 -21.41 -24.26
C VAL C 35 14.35 -21.02 -25.21
N LEU C 36 13.28 -20.43 -24.66
CA LEU C 36 12.14 -20.02 -25.47
C LEU C 36 12.49 -18.76 -26.25
N TYR C 37 13.19 -17.82 -25.59
CA TYR C 37 13.69 -16.63 -26.28
C TYR C 37 14.52 -17.13 -27.46
N SER C 38 15.49 -18.02 -27.15
CA SER C 38 16.44 -18.56 -28.12
C SER C 38 15.78 -19.06 -29.40
N LYS C 39 14.55 -19.59 -29.31
CA LYS C 39 13.85 -20.15 -30.48
C LYS C 39 13.02 -19.08 -31.21
N GLY C 40 12.66 -17.97 -30.51
CA GLY C 40 12.17 -16.77 -31.19
C GLY C 40 10.99 -16.07 -30.50
N PHE C 41 10.76 -16.36 -29.22
CA PHE C 41 9.61 -15.83 -28.51
C PHE C 41 9.99 -14.60 -27.70
N SER C 42 9.15 -13.57 -27.86
CA SER C 42 9.14 -12.37 -27.04
C SER C 42 8.60 -12.75 -25.66
N ILE C 43 9.26 -12.30 -24.58
CA ILE C 43 9.04 -12.92 -23.27
C ILE C 43 8.81 -11.86 -22.20
N THR C 44 7.81 -12.12 -21.34
CA THR C 44 7.45 -11.28 -20.20
C THR C 44 7.22 -12.15 -18.96
N ILE C 45 7.69 -11.68 -17.79
CA ILE C 45 7.75 -12.49 -16.57
C ILE C 45 6.92 -11.85 -15.45
N PHE C 46 5.67 -12.29 -15.30
CA PHE C 46 4.84 -11.90 -14.17
C PHE C 46 5.51 -12.40 -12.90
N HIS C 47 5.95 -11.44 -12.08
CA HIS C 47 6.70 -11.71 -10.87
C HIS C 47 6.18 -10.83 -9.75
N THR C 48 6.20 -11.37 -8.53
CA THR C 48 5.91 -10.56 -7.36
C THR C 48 7.07 -9.60 -7.17
N ASN C 49 6.84 -8.53 -6.40
CA ASN C 49 7.92 -7.71 -5.88
C ASN C 49 8.64 -8.53 -4.81
N PHE C 50 7.86 -9.31 -4.05
CA PHE C 50 8.38 -10.22 -3.06
C PHE C 50 9.51 -11.05 -3.67
N ASN C 51 10.71 -10.87 -3.11
CA ASN C 51 11.84 -11.75 -3.32
C ASN C 51 12.32 -11.68 -4.78
N LYS C 52 12.19 -10.51 -5.42
CA LYS C 52 12.38 -10.39 -6.86
C LYS C 52 13.83 -10.65 -7.26
N PRO C 53 14.07 -11.19 -8.49
CA PRO C 53 15.42 -11.30 -9.05
C PRO C 53 15.85 -10.11 -9.91
N LYS C 54 17.16 -10.01 -10.14
CA LYS C 54 17.78 -8.83 -10.71
C LYS C 54 17.62 -8.84 -12.23
N THR C 55 16.82 -7.88 -12.72
CA THR C 55 16.25 -7.89 -14.06
C THR C 55 17.25 -7.35 -15.08
N SER C 56 18.41 -6.86 -14.60
CA SER C 56 19.47 -6.41 -15.48
C SER C 56 20.21 -7.60 -16.09
N ASN C 57 20.12 -8.77 -15.46
CA ASN C 57 20.62 -10.02 -16.00
C ASN C 57 19.84 -10.43 -17.25
N TYR C 58 18.54 -10.19 -17.25
CA TYR C 58 17.67 -10.62 -18.33
C TYR C 58 17.31 -9.41 -19.17
N PRO C 59 18.28 -8.81 -19.89
CA PRO C 59 18.03 -7.58 -20.66
C PRO C 59 17.10 -7.76 -21.83
N HIS C 60 16.94 -9.01 -22.26
CA HIS C 60 16.08 -9.35 -23.38
C HIS C 60 14.62 -9.44 -22.92
N PHE C 61 14.38 -9.57 -21.61
CA PHE C 61 13.07 -9.88 -21.06
C PHE C 61 12.45 -8.70 -20.30
N THR C 62 11.13 -8.55 -20.49
CA THR C 62 10.32 -7.62 -19.74
C THR C 62 9.81 -8.31 -18.48
N PHE C 63 10.02 -7.65 -17.33
CA PHE C 63 9.34 -7.98 -16.08
C PHE C 63 8.29 -6.92 -15.81
N ARG C 64 7.07 -7.38 -15.49
CA ARG C 64 5.96 -6.49 -15.19
C ARG C 64 5.31 -7.02 -13.92
N PHE C 65 5.47 -6.29 -12.81
CA PHE C 65 5.07 -6.75 -11.50
C PHE C 65 3.53 -6.72 -11.42
N ILE C 66 2.95 -7.44 -10.44
CA ILE C 66 1.54 -7.78 -10.50
C ILE C 66 0.85 -7.67 -9.14
N LEU C 67 1.41 -8.32 -8.09
CA LEU C 67 0.66 -8.50 -6.85
C LEU C 67 0.84 -7.28 -5.96
N ASP C 68 1.91 -7.26 -5.15
CA ASP C 68 2.08 -6.18 -4.17
C ASP C 68 2.45 -4.92 -4.94
N ASN C 69 1.42 -4.19 -5.38
CA ASN C 69 1.58 -3.11 -6.35
C ASN C 69 0.67 -1.93 -5.96
N GLY C 87 5.10 -17.97 2.58
CA GLY C 87 4.17 -19.10 2.73
C GLY C 87 2.83 -18.80 2.06
N MET C 88 1.90 -18.23 2.83
CA MET C 88 0.52 -18.04 2.43
C MET C 88 0.41 -17.22 1.14
N ARG C 89 1.52 -16.64 0.67
CA ARG C 89 1.57 -15.90 -0.58
C ARG C 89 0.87 -16.71 -1.68
N ILE C 90 1.01 -18.05 -1.62
CA ILE C 90 0.41 -18.95 -2.59
C ILE C 90 -1.12 -18.84 -2.54
N PRO C 91 -1.81 -19.33 -1.46
CA PRO C 91 -3.27 -19.28 -1.40
C PRO C 91 -3.88 -17.88 -1.39
N ILE C 92 -3.13 -16.89 -0.86
CA ILE C 92 -3.59 -15.51 -0.85
C ILE C 92 -3.66 -15.01 -2.29
N ILE C 93 -2.62 -15.35 -3.09
CA ILE C 93 -2.65 -15.03 -4.51
C ILE C 93 -3.67 -15.97 -5.18
N ASN C 94 -3.61 -17.26 -4.85
CA ASN C 94 -4.48 -18.24 -5.50
C ASN C 94 -5.96 -17.89 -5.32
N GLU C 95 -6.32 -17.23 -4.21
CA GLU C 95 -7.73 -17.00 -3.91
C GLU C 95 -8.22 -15.62 -4.38
N HIS C 96 -7.39 -14.58 -4.18
CA HIS C 96 -7.72 -13.21 -4.57
C HIS C 96 -6.66 -12.65 -5.52
N GLY C 97 -6.07 -13.54 -6.33
CA GLY C 97 -5.25 -13.13 -7.46
C GLY C 97 -6.13 -12.89 -8.67
N ALA C 98 -6.92 -13.92 -9.00
CA ALA C 98 -7.79 -13.91 -10.15
C ALA C 98 -7.68 -12.60 -10.93
N ASP C 99 -8.17 -11.52 -10.33
CA ASP C 99 -8.51 -10.31 -11.05
C ASP C 99 -7.25 -9.56 -11.48
N GLU C 100 -6.19 -9.62 -10.65
CA GLU C 100 -4.88 -9.09 -11.01
C GLU C 100 -4.53 -9.45 -12.45
N LEU C 101 -4.54 -10.77 -12.71
CA LEU C 101 -4.02 -11.35 -13.93
C LEU C 101 -4.77 -10.80 -15.13
N ARG C 102 -6.11 -10.79 -15.03
CA ARG C 102 -6.98 -10.51 -16.16
C ARG C 102 -6.64 -9.16 -16.81
N ARG C 103 -6.71 -8.08 -16.03
CA ARG C 103 -6.47 -6.75 -16.55
C ARG C 103 -5.11 -6.73 -17.25
N GLU C 104 -4.07 -7.14 -16.51
CA GLU C 104 -2.71 -7.23 -17.02
C GLU C 104 -2.69 -7.97 -18.35
N LEU C 105 -3.42 -9.10 -18.40
CA LEU C 105 -3.50 -9.93 -19.59
C LEU C 105 -4.20 -9.15 -20.72
N GLU C 106 -5.37 -8.59 -20.42
CA GLU C 106 -6.18 -7.93 -21.43
C GLU C 106 -5.35 -6.80 -22.06
N LEU C 107 -4.88 -5.87 -21.22
CA LEU C 107 -3.91 -4.85 -21.64
C LEU C 107 -3.08 -5.39 -22.79
N LEU C 108 -2.35 -6.48 -22.48
CA LEU C 108 -1.31 -7.02 -23.34
C LEU C 108 -1.93 -8.02 -24.33
N GLU C 117 1.73 -10.43 -30.22
CA GLU C 117 0.49 -11.02 -29.65
C GLU C 117 0.87 -12.09 -28.62
N VAL C 118 -0.12 -12.48 -27.81
CA VAL C 118 0.08 -13.50 -26.79
C VAL C 118 -0.16 -14.86 -27.41
N SER C 119 0.87 -15.71 -27.45
CA SER C 119 0.70 -17.09 -27.84
C SER C 119 0.05 -17.87 -26.70
N CYS C 120 0.52 -17.65 -25.46
CA CYS C 120 0.00 -18.38 -24.31
C CYS C 120 0.56 -17.84 -22.99
N LEU C 121 0.16 -18.47 -21.87
CA LEU C 121 0.72 -18.22 -20.55
C LEU C 121 1.22 -19.53 -19.93
N ILE C 122 2.40 -19.47 -19.30
CA ILE C 122 2.97 -20.60 -18.57
C ILE C 122 3.14 -20.18 -17.10
N THR C 123 2.55 -20.96 -16.19
CA THR C 123 2.76 -20.76 -14.77
C THR C 123 3.41 -22.03 -14.20
N ASP C 124 3.90 -21.90 -12.96
CA ASP C 124 4.27 -23.03 -12.11
C ASP C 124 2.98 -23.79 -11.77
N ALA C 125 3.11 -25.08 -11.47
CA ALA C 125 1.96 -25.94 -11.24
C ALA C 125 1.18 -25.48 -10.01
N LEU C 126 1.89 -24.82 -9.08
CA LEU C 126 1.32 -24.38 -7.81
C LEU C 126 0.42 -23.16 -8.02
N TRP C 127 0.54 -22.48 -9.17
CA TRP C 127 -0.34 -21.39 -9.53
C TRP C 127 -1.57 -21.92 -10.26
N TYR C 128 -2.42 -22.64 -9.52
CA TYR C 128 -3.50 -23.41 -10.11
C TYR C 128 -4.67 -22.51 -10.51
N PHE C 129 -4.77 -21.32 -9.90
CA PHE C 129 -5.91 -20.47 -10.16
C PHE C 129 -5.82 -19.86 -11.55
N ALA C 130 -4.60 -19.82 -12.10
CA ALA C 130 -4.34 -19.23 -13.40
C ALA C 130 -5.19 -19.86 -14.50
N GLN C 131 -5.56 -21.15 -14.34
CA GLN C 131 -6.34 -21.84 -15.37
C GLN C 131 -7.76 -21.29 -15.40
N SER C 132 -8.39 -21.13 -14.22
CA SER C 132 -9.69 -20.48 -14.16
C SER C 132 -9.57 -19.10 -14.80
N VAL C 133 -8.59 -18.34 -14.35
CA VAL C 133 -8.36 -17.01 -14.88
C VAL C 133 -8.26 -17.08 -16.40
N ALA C 134 -7.39 -17.96 -16.89
CA ALA C 134 -7.06 -18.02 -18.31
C ALA C 134 -8.23 -18.56 -19.12
N ASP C 135 -8.99 -19.48 -18.52
CA ASP C 135 -10.22 -19.99 -19.12
C ASP C 135 -11.15 -18.82 -19.40
N SER C 136 -11.30 -17.96 -18.41
CA SER C 136 -12.16 -16.77 -18.56
C SER C 136 -11.72 -15.92 -19.74
N LEU C 137 -10.42 -15.73 -19.96
CA LEU C 137 -9.96 -14.78 -20.97
C LEU C 137 -9.69 -15.48 -22.30
N ASN C 138 -9.91 -16.81 -22.38
CA ASN C 138 -9.68 -17.58 -23.60
C ASN C 138 -8.18 -17.60 -23.90
N LEU C 139 -7.38 -17.78 -22.83
CA LEU C 139 -5.94 -17.83 -22.95
C LEU C 139 -5.46 -19.26 -22.62
N ARG C 140 -4.43 -19.70 -23.35
CA ARG C 140 -3.88 -21.04 -23.19
C ARG C 140 -2.88 -21.04 -22.04
N ARG C 141 -3.09 -21.97 -21.09
CA ARG C 141 -2.21 -22.11 -19.96
C ARG C 141 -1.42 -23.41 -20.11
N LEU C 142 -0.10 -23.32 -19.95
CA LEU C 142 0.77 -24.49 -19.85
C LEU C 142 1.44 -24.50 -18.48
N VAL C 143 1.63 -25.69 -17.91
CA VAL C 143 2.25 -25.82 -16.60
C VAL C 143 3.73 -26.14 -16.79
N LEU C 144 4.56 -25.47 -15.98
CA LEU C 144 5.93 -25.91 -15.73
C LEU C 144 5.86 -26.83 -14.52
N MET C 145 6.33 -28.07 -14.69
CA MET C 145 6.51 -28.99 -13.57
C MET C 145 8.00 -29.04 -13.23
N THR C 146 8.34 -28.54 -12.03
CA THR C 146 9.65 -28.74 -11.43
C THR C 146 9.64 -30.07 -10.67
N SER C 147 8.75 -30.17 -9.69
CA SER C 147 8.55 -31.40 -8.95
C SER C 147 8.31 -32.56 -9.91
N SER C 148 9.24 -33.54 -9.88
CA SER C 148 9.51 -34.50 -10.93
C SER C 148 8.30 -35.36 -11.29
N LEU C 149 8.47 -36.27 -12.28
CA LEU C 149 7.37 -37.10 -12.76
C LEU C 149 6.79 -37.85 -11.56
N PHE C 150 7.61 -38.71 -10.95
CA PHE C 150 7.29 -39.36 -9.69
C PHE C 150 6.38 -38.48 -8.84
N ASN C 151 6.83 -37.26 -8.51
CA ASN C 151 6.08 -36.39 -7.63
C ASN C 151 4.63 -36.28 -8.12
N PHE C 152 4.42 -36.49 -9.43
CA PHE C 152 3.09 -36.47 -10.02
C PHE C 152 2.32 -37.70 -9.55
N HIS C 153 2.87 -38.90 -9.73
CA HIS C 153 2.16 -40.12 -9.34
C HIS C 153 1.46 -39.96 -7.99
N ALA C 154 2.17 -39.36 -7.02
CA ALA C 154 1.61 -39.15 -5.69
C ALA C 154 0.34 -38.30 -5.81
N HIS C 155 0.50 -36.99 -5.93
CA HIS C 155 -0.61 -36.07 -6.13
C HIS C 155 -1.83 -36.78 -6.72
N VAL C 156 -1.61 -37.51 -7.83
CA VAL C 156 -2.64 -38.28 -8.52
C VAL C 156 -3.53 -38.98 -7.50
N SER C 157 -2.89 -39.88 -6.75
CA SER C 157 -3.57 -40.84 -5.90
C SER C 157 -3.43 -40.41 -4.44
N LEU C 158 -3.94 -39.22 -4.13
CA LEU C 158 -4.30 -38.86 -2.78
C LEU C 158 -5.58 -39.61 -2.41
N PRO C 159 -6.61 -39.69 -3.29
CA PRO C 159 -7.80 -40.52 -3.01
C PRO C 159 -7.57 -42.00 -2.68
N GLN C 160 -6.51 -42.60 -3.24
CA GLN C 160 -6.15 -43.97 -2.88
C GLN C 160 -5.39 -43.94 -1.55
N PHE C 161 -4.89 -42.75 -1.16
CA PHE C 161 -4.19 -42.55 0.10
C PHE C 161 -5.00 -41.65 1.04
N ASP C 162 -6.33 -41.61 0.87
CA ASP C 162 -7.21 -40.83 1.73
C ASP C 162 -8.47 -41.66 2.02
N PHE C 204 -3.89 -29.26 -3.54
CA PHE C 204 -3.36 -30.58 -3.97
C PHE C 204 -4.39 -31.34 -4.81
N GLU C 205 -5.68 -31.00 -4.63
CA GLU C 205 -6.73 -31.49 -5.51
C GLU C 205 -6.79 -30.61 -6.75
N ASN C 206 -6.91 -29.29 -6.50
CA ASN C 206 -7.01 -28.30 -7.57
C ASN C 206 -5.74 -28.32 -8.42
N ILE C 207 -4.58 -28.35 -7.77
CA ILE C 207 -3.31 -28.34 -8.48
C ILE C 207 -3.35 -29.41 -9.56
N THR C 208 -3.45 -30.67 -9.11
CA THR C 208 -3.38 -31.83 -10.00
C THR C 208 -4.51 -31.76 -11.01
N LYS C 209 -5.66 -31.20 -10.61
CA LYS C 209 -6.77 -30.96 -11.52
C LYS C 209 -6.36 -29.93 -12.57
N GLN C 210 -5.77 -28.81 -12.13
CA GLN C 210 -5.45 -27.71 -13.02
C GLN C 210 -4.15 -27.98 -13.78
N THR C 211 -3.45 -29.06 -13.45
CA THR C 211 -2.38 -29.54 -14.32
C THR C 211 -2.94 -30.52 -15.35
N LYS C 212 -4.05 -31.19 -15.03
CA LYS C 212 -4.69 -32.12 -15.96
C LYS C 212 -5.66 -31.39 -16.89
N ALA C 213 -6.04 -30.15 -16.54
CA ALA C 213 -6.90 -29.35 -17.41
C ALA C 213 -6.16 -28.11 -17.92
N SER C 214 -4.86 -28.27 -18.22
CA SER C 214 -4.08 -27.25 -18.89
C SER C 214 -3.69 -27.73 -20.29
N SER C 215 -3.27 -26.80 -21.14
CA SER C 215 -3.16 -27.06 -22.56
C SER C 215 -1.89 -27.85 -22.87
N GLY C 216 -1.00 -28.02 -21.89
CA GLY C 216 0.24 -28.74 -22.12
C GLY C 216 1.22 -28.55 -20.97
N VAL C 217 1.99 -29.61 -20.67
CA VAL C 217 2.76 -29.69 -19.43
C VAL C 217 4.23 -29.83 -19.77
N ILE C 218 5.07 -29.10 -19.02
CA ILE C 218 6.48 -29.02 -19.34
C ILE C 218 7.26 -29.62 -18.18
N TRP C 219 8.02 -30.67 -18.50
CA TRP C 219 8.73 -31.42 -17.50
C TRP C 219 10.22 -31.11 -17.59
N ASN C 220 10.77 -30.69 -16.44
CA ASN C 220 12.21 -30.58 -16.26
C ASN C 220 12.75 -32.00 -16.05
N SER C 221 13.10 -32.67 -17.15
CA SER C 221 13.47 -34.07 -17.14
C SER C 221 13.67 -34.58 -18.57
N PHE C 222 14.16 -35.81 -18.72
CA PHE C 222 14.33 -36.37 -20.06
C PHE C 222 13.78 -37.80 -20.08
N LYS C 223 13.68 -38.34 -21.30
CA LYS C 223 13.00 -39.61 -21.54
C LYS C 223 13.65 -40.70 -20.68
N GLU C 224 14.97 -40.86 -20.84
CA GLU C 224 15.71 -41.93 -20.18
C GLU C 224 15.81 -41.74 -18.66
N LEU C 225 15.42 -40.57 -18.14
CA LEU C 225 15.45 -40.32 -16.71
C LEU C 225 14.27 -41.01 -16.04
N GLU C 226 13.07 -40.86 -16.63
CA GLU C 226 11.85 -41.33 -16.00
C GLU C 226 11.05 -42.17 -16.98
N GLU C 227 11.68 -43.26 -17.46
CA GLU C 227 11.04 -44.26 -18.28
C GLU C 227 9.82 -44.84 -17.54
N SER C 228 9.97 -45.06 -16.24
CA SER C 228 8.89 -45.56 -15.40
C SER C 228 7.59 -44.85 -15.73
N GLU C 229 7.61 -43.51 -15.58
CA GLU C 229 6.41 -42.75 -15.27
C GLU C 229 5.85 -42.03 -16.49
N LEU C 230 6.43 -42.24 -17.67
CA LEU C 230 5.94 -41.64 -18.91
C LEU C 230 4.49 -42.05 -19.14
N GLU C 231 4.12 -43.24 -18.65
CA GLU C 231 2.83 -43.86 -18.91
C GLU C 231 1.69 -43.16 -18.17
N THR C 232 1.97 -42.65 -16.97
CA THR C 232 0.93 -42.10 -16.09
C THR C 232 0.77 -40.62 -16.37
N VAL C 233 1.68 -40.09 -17.19
CA VAL C 233 1.65 -38.71 -17.65
C VAL C 233 0.79 -38.62 -18.91
N ILE C 234 0.86 -39.67 -19.73
CA ILE C 234 0.14 -39.73 -20.99
C ILE C 234 -1.36 -39.97 -20.74
N ARG C 235 -1.68 -40.78 -19.72
CA ARG C 235 -3.07 -41.05 -19.36
C ARG C 235 -3.70 -39.86 -18.64
N GLU C 236 -3.07 -39.43 -17.53
CA GLU C 236 -3.67 -38.47 -16.61
C GLU C 236 -3.77 -37.07 -17.22
N ILE C 237 -2.90 -36.76 -18.19
CA ILE C 237 -2.92 -35.48 -18.85
C ILE C 237 -3.32 -35.69 -20.31
N PRO C 238 -4.50 -35.16 -20.75
CA PRO C 238 -4.85 -35.15 -22.17
C PRO C 238 -3.88 -34.37 -23.05
N ALA C 239 -3.40 -33.25 -22.51
CA ALA C 239 -2.59 -32.31 -23.26
C ALA C 239 -1.17 -32.86 -23.44
N PRO C 240 -0.45 -32.43 -24.50
CA PRO C 240 0.90 -32.93 -24.76
C PRO C 240 1.85 -32.46 -23.67
N SER C 241 2.51 -33.41 -23.00
CA SER C 241 3.64 -33.06 -22.15
C SER C 241 4.89 -32.95 -23.04
N PHE C 242 5.91 -32.25 -22.55
CA PHE C 242 7.16 -32.12 -23.27
C PHE C 242 8.28 -32.29 -22.24
N LEU C 243 9.29 -33.10 -22.54
CA LEU C 243 10.35 -33.38 -21.59
C LEU C 243 11.60 -32.58 -21.96
N ILE C 244 12.01 -31.64 -21.08
CA ILE C 244 13.11 -30.71 -21.41
C ILE C 244 14.03 -30.53 -20.19
N PRO C 245 15.20 -31.22 -20.11
CA PRO C 245 16.14 -31.07 -19.00
C PRO C 245 16.92 -29.77 -19.08
N LEU C 246 16.45 -28.76 -18.35
CA LEU C 246 16.86 -27.37 -18.52
C LEU C 246 18.36 -27.20 -18.29
N PRO C 247 18.95 -27.71 -17.19
CA PRO C 247 20.40 -27.75 -17.02
C PRO C 247 21.29 -28.07 -18.23
N LYS C 248 20.77 -28.86 -19.18
CA LYS C 248 21.56 -29.22 -20.34
C LYS C 248 21.68 -28.03 -21.29
N HIS C 249 20.62 -27.23 -21.34
CA HIS C 249 20.53 -26.07 -22.20
C HIS C 249 21.35 -24.93 -21.64
N LEU C 250 21.22 -24.67 -20.32
CA LEU C 250 21.60 -23.39 -19.77
C LEU C 250 21.91 -23.53 -18.28
N THR C 251 22.78 -22.63 -17.78
CA THR C 251 23.09 -22.55 -16.36
C THR C 251 22.24 -21.45 -15.73
N ALA C 252 21.81 -21.67 -14.47
CA ALA C 252 20.94 -20.75 -13.77
C ALA C 252 21.72 -19.93 -12.74
N SER C 253 22.88 -19.39 -13.12
CA SER C 253 23.59 -18.46 -12.26
C SER C 253 22.90 -17.10 -12.24
N SER C 254 22.23 -16.74 -13.33
CA SER C 254 21.66 -15.41 -13.48
C SER C 254 20.40 -15.22 -12.63
N SER C 255 19.80 -16.32 -12.15
CA SER C 255 18.48 -16.26 -11.52
C SER C 255 18.56 -16.26 -10.01
N SER C 256 19.78 -16.35 -9.48
CA SER C 256 19.98 -16.48 -8.04
C SER C 256 19.43 -15.27 -7.29
N LEU C 257 18.75 -15.51 -6.16
CA LEU C 257 18.07 -14.46 -5.41
C LEU C 257 18.99 -13.87 -4.34
N LEU C 258 20.15 -14.51 -4.12
CA LEU C 258 21.10 -14.06 -3.11
C LEU C 258 22.40 -13.67 -3.79
N ASP C 259 23.22 -12.90 -3.07
CA ASP C 259 24.58 -12.61 -3.48
C ASP C 259 25.32 -13.94 -3.62
N HIS C 260 26.33 -13.97 -4.50
CA HIS C 260 26.92 -15.23 -4.93
C HIS C 260 28.41 -15.23 -4.57
N ASP C 261 28.77 -15.98 -3.52
CA ASP C 261 30.16 -16.10 -3.10
C ASP C 261 30.92 -16.90 -4.15
N ARG C 262 31.84 -16.22 -4.86
CA ARG C 262 32.53 -16.79 -6.01
C ARG C 262 34.01 -17.01 -5.70
N THR C 263 34.35 -17.07 -4.41
CA THR C 263 35.72 -17.31 -3.95
C THR C 263 35.94 -18.81 -3.75
N VAL C 264 34.92 -19.61 -4.06
CA VAL C 264 34.98 -21.05 -3.82
C VAL C 264 35.61 -21.77 -5.01
N PHE C 265 35.44 -21.28 -6.24
CA PHE C 265 36.15 -21.88 -7.37
C PHE C 265 37.64 -21.84 -7.05
N PRO C 266 38.23 -20.66 -6.74
CA PRO C 266 39.63 -20.59 -6.28
C PRO C 266 40.03 -21.69 -5.27
N TRP C 267 39.20 -21.84 -4.23
CA TRP C 267 39.38 -22.86 -3.22
C TRP C 267 39.22 -24.25 -3.83
N LEU C 268 38.15 -24.45 -4.64
CA LEU C 268 37.88 -25.71 -5.29
C LEU C 268 38.97 -26.00 -6.33
N ASP C 269 39.31 -24.99 -7.14
CA ASP C 269 40.35 -25.09 -8.16
C ASP C 269 41.52 -25.93 -7.68
N GLN C 270 41.94 -25.68 -6.42
CA GLN C 270 43.12 -26.29 -5.83
C GLN C 270 42.86 -27.75 -5.46
N GLN C 271 41.73 -28.00 -4.77
CA GLN C 271 41.42 -29.31 -4.22
C GLN C 271 41.49 -30.35 -5.33
N PRO C 272 41.94 -31.60 -5.04
CA PRO C 272 42.15 -32.62 -6.07
C PRO C 272 40.87 -33.30 -6.54
N SER C 273 40.97 -34.10 -7.61
CA SER C 273 39.82 -34.67 -8.31
C SER C 273 38.75 -35.16 -7.34
N ARG C 274 37.68 -34.36 -7.20
CA ARG C 274 36.43 -34.77 -6.59
C ARG C 274 36.59 -34.91 -5.07
N SER C 275 37.46 -34.10 -4.46
CA SER C 275 37.75 -34.23 -3.04
C SER C 275 36.92 -33.25 -2.19
N VAL C 276 35.82 -32.72 -2.74
CA VAL C 276 34.95 -31.83 -1.99
C VAL C 276 33.52 -32.36 -2.07
N LEU C 277 32.78 -32.18 -0.96
CA LEU C 277 31.39 -32.62 -0.83
C LEU C 277 30.49 -31.40 -0.60
N TYR C 278 29.90 -30.89 -1.69
CA TYR C 278 29.04 -29.72 -1.61
C TYR C 278 27.83 -30.07 -0.73
N VAL C 279 27.37 -29.12 0.10
CA VAL C 279 26.31 -29.37 1.06
C VAL C 279 25.37 -28.17 1.15
N SER C 280 24.13 -28.37 0.68
CA SER C 280 23.02 -27.43 0.88
C SER C 280 21.79 -28.18 1.37
N PHE C 281 21.01 -27.52 2.23
CA PHE C 281 19.68 -27.97 2.58
C PHE C 281 18.68 -27.01 1.95
N GLY C 282 18.86 -26.77 0.65
CA GLY C 282 18.02 -25.84 -0.09
C GLY C 282 18.22 -24.40 0.36
N SER C 283 17.34 -23.52 -0.14
CA SER C 283 17.37 -22.12 0.20
C SER C 283 16.63 -21.85 1.51
N ALA C 284 15.80 -22.81 1.96
CA ALA C 284 15.06 -22.65 3.20
C ALA C 284 14.92 -23.98 3.93
N THR C 285 15.13 -23.94 5.26
CA THR C 285 15.18 -25.14 6.09
C THR C 285 15.08 -24.73 7.56
N GLU C 286 13.91 -24.99 8.16
CA GLU C 286 13.65 -24.70 9.57
C GLU C 286 14.13 -25.88 10.42
N VAL C 287 15.43 -25.85 10.76
CA VAL C 287 16.02 -26.77 11.73
C VAL C 287 16.38 -25.97 12.98
N ASP C 288 16.85 -26.69 14.00
CA ASP C 288 17.18 -26.12 15.29
C ASP C 288 18.70 -26.02 15.38
N GLU C 289 19.22 -25.49 16.50
CA GLU C 289 20.65 -25.47 16.74
C GLU C 289 21.16 -26.91 16.85
N LYS C 290 20.55 -27.69 17.76
CA LYS C 290 20.93 -29.06 18.07
C LYS C 290 21.22 -29.84 16.81
N ASP C 291 20.35 -29.65 15.80
CA ASP C 291 20.52 -30.28 14.49
C ASP C 291 21.64 -29.57 13.74
N PHE C 292 21.60 -28.23 13.73
CA PHE C 292 22.61 -27.40 13.08
C PHE C 292 24.01 -27.75 13.60
N LEU C 293 24.08 -28.24 14.85
CA LEU C 293 25.34 -28.70 15.43
C LEU C 293 25.59 -30.16 15.02
N GLU C 294 24.56 -30.99 15.11
CA GLU C 294 24.70 -32.41 14.83
C GLU C 294 25.18 -32.62 13.40
N ILE C 295 24.43 -32.04 12.45
CA ILE C 295 24.85 -31.94 11.06
C ILE C 295 26.37 -31.74 11.04
N ALA C 296 26.82 -30.63 11.65
CA ALA C 296 28.21 -30.20 11.64
C ALA C 296 29.13 -31.31 12.13
N ARG C 297 28.84 -31.84 13.33
CA ARG C 297 29.64 -32.94 13.87
C ARG C 297 29.76 -34.03 12.81
N GLY C 298 28.62 -34.56 12.36
CA GLY C 298 28.58 -35.62 11.36
C GLY C 298 29.43 -35.27 10.14
N LEU C 299 29.30 -34.02 9.68
CA LEU C 299 30.14 -33.50 8.61
C LEU C 299 31.60 -33.54 9.01
N VAL C 300 31.89 -33.04 10.23
CA VAL C 300 33.26 -32.91 10.73
C VAL C 300 33.80 -34.30 11.08
N ASP C 301 32.96 -35.12 11.71
CA ASP C 301 33.32 -36.47 12.10
C ASP C 301 33.73 -37.25 10.86
N SER C 302 32.94 -37.10 9.77
CA SER C 302 33.22 -37.83 8.51
C SER C 302 34.66 -37.59 8.06
N LYS C 303 35.23 -36.42 8.38
CA LYS C 303 36.62 -36.11 8.07
C LYS C 303 36.77 -35.98 6.55
N GLN C 304 35.91 -35.14 5.96
CA GLN C 304 35.94 -34.85 4.54
C GLN C 304 35.82 -33.33 4.34
N SER C 305 36.58 -32.79 3.38
CA SER C 305 36.38 -31.41 2.97
C SER C 305 34.97 -31.21 2.43
N PHE C 306 34.30 -30.16 2.92
CA PHE C 306 32.91 -29.87 2.60
C PHE C 306 32.77 -28.58 1.78
N LEU C 307 31.52 -28.09 1.70
CA LEU C 307 31.21 -26.73 1.28
C LEU C 307 29.77 -26.45 1.68
N TRP C 308 29.55 -26.26 2.98
CA TRP C 308 28.22 -26.28 3.57
C TRP C 308 27.64 -24.87 3.63
N VAL C 309 26.59 -24.64 2.82
CA VAL C 309 25.93 -23.35 2.70
C VAL C 309 24.99 -23.12 3.88
N VAL C 310 24.75 -21.84 4.22
CA VAL C 310 23.73 -21.45 5.19
C VAL C 310 23.03 -20.17 4.67
N GLY C 333 36.60 -27.78 4.83
CA GLY C 333 35.42 -27.17 5.48
C GLY C 333 35.42 -25.65 5.29
N ARG C 334 34.38 -25.14 4.61
CA ARG C 334 34.22 -23.72 4.38
C ARG C 334 32.75 -23.34 4.53
N ILE C 335 32.39 -22.71 5.65
CA ILE C 335 31.02 -22.30 5.94
C ILE C 335 30.69 -21.08 5.08
N VAL C 336 30.37 -21.34 3.81
CA VAL C 336 30.11 -20.27 2.85
C VAL C 336 28.67 -19.79 3.02
N LYS C 337 28.32 -18.74 2.27
CA LYS C 337 26.98 -18.18 2.28
C LYS C 337 26.11 -18.88 1.23
N TRP C 338 26.49 -18.72 -0.05
CA TRP C 338 25.64 -19.09 -1.17
C TRP C 338 26.43 -19.01 -2.47
N VAL C 339 26.50 -20.12 -3.22
CA VAL C 339 27.46 -20.28 -4.32
C VAL C 339 26.73 -20.40 -5.66
N PRO C 340 27.44 -20.59 -6.80
CA PRO C 340 26.81 -20.77 -8.11
C PRO C 340 26.59 -22.24 -8.43
N GLN C 341 25.41 -22.73 -8.05
CA GLN C 341 25.13 -24.14 -7.80
C GLN C 341 25.76 -25.04 -8.88
N GLN C 342 25.27 -24.92 -10.11
CA GLN C 342 25.60 -25.86 -11.18
CA GLN C 342 25.60 -25.87 -11.16
C GLN C 342 27.07 -25.73 -11.58
N GLU C 343 27.54 -24.49 -11.68
CA GLU C 343 28.93 -24.22 -12.05
C GLU C 343 29.87 -25.08 -11.20
N VAL C 344 29.68 -24.97 -9.88
CA VAL C 344 30.43 -25.77 -8.91
C VAL C 344 30.28 -27.25 -9.28
N LEU C 345 29.02 -27.74 -9.34
CA LEU C 345 28.78 -29.15 -9.60
C LEU C 345 29.53 -29.63 -10.84
N ALA C 346 29.74 -28.74 -11.83
CA ALA C 346 30.37 -29.08 -13.09
C ALA C 346 31.88 -28.82 -13.08
N HIS C 347 32.49 -28.84 -11.89
CA HIS C 347 33.93 -28.69 -11.73
C HIS C 347 34.50 -30.00 -11.16
N GLY C 348 35.57 -30.50 -11.79
CA GLY C 348 36.20 -31.75 -11.36
C GLY C 348 36.90 -31.60 -10.01
N GLY C 351 32.81 -35.54 -6.90
CA GLY C 351 32.51 -35.61 -5.45
C GLY C 351 31.11 -36.14 -5.18
N ALA C 352 30.25 -35.28 -4.61
CA ALA C 352 28.91 -35.64 -4.15
C ALA C 352 28.29 -34.47 -3.40
N PHE C 353 27.01 -34.62 -2.98
CA PHE C 353 26.21 -33.48 -2.54
C PHE C 353 25.07 -33.91 -1.61
N TRP C 354 25.17 -33.55 -0.32
CA TRP C 354 24.16 -33.87 0.68
C TRP C 354 22.98 -32.91 0.56
N THR C 355 22.08 -33.24 -0.37
CA THR C 355 21.04 -32.33 -0.83
C THR C 355 19.83 -32.38 0.10
N HIS C 356 18.77 -31.65 -0.30
CA HIS C 356 17.52 -31.57 0.44
C HIS C 356 16.38 -32.18 -0.38
N SER C 357 16.76 -32.91 -1.44
CA SER C 357 15.81 -33.43 -2.42
C SER C 357 14.86 -32.32 -2.86
N GLY C 358 15.46 -31.27 -3.46
CA GLY C 358 14.74 -30.33 -4.30
C GLY C 358 15.17 -30.53 -5.75
N TRP C 359 14.20 -30.88 -6.60
CA TRP C 359 14.45 -31.58 -7.86
C TRP C 359 15.59 -30.97 -8.68
N ASN C 360 15.69 -29.63 -8.73
CA ASN C 360 16.65 -28.97 -9.61
C ASN C 360 18.06 -29.40 -9.23
N SER C 361 18.30 -29.43 -7.92
CA SER C 361 19.56 -29.88 -7.36
C SER C 361 19.76 -31.38 -7.65
N THR C 362 18.69 -32.15 -7.48
CA THR C 362 18.69 -33.59 -7.73
C THR C 362 19.01 -33.89 -9.20
N LEU C 363 18.63 -32.99 -10.13
CA LEU C 363 18.77 -33.26 -11.56
C LEU C 363 20.07 -32.66 -12.09
N GLU C 364 20.41 -31.45 -11.62
CA GLU C 364 21.68 -30.81 -11.98
C GLU C 364 22.81 -31.78 -11.68
N SER C 365 22.70 -32.45 -10.53
CA SER C 365 23.52 -33.61 -10.20
C SER C 365 23.80 -34.44 -11.44
N VAL C 366 22.77 -35.12 -11.94
CA VAL C 366 22.95 -36.19 -12.92
C VAL C 366 23.31 -35.64 -14.30
N CYS C 367 23.15 -34.32 -14.52
CA CYS C 367 23.73 -33.65 -15.68
C CYS C 367 25.25 -33.51 -15.49
N GLU C 368 25.69 -33.47 -14.22
CA GLU C 368 27.10 -33.35 -13.81
C GLU C 368 27.61 -34.61 -13.08
N GLY C 369 26.74 -35.60 -12.85
CA GLY C 369 27.17 -36.96 -12.52
C GLY C 369 27.24 -37.24 -11.02
N VAL C 370 26.59 -36.40 -10.21
CA VAL C 370 26.92 -36.28 -8.80
C VAL C 370 25.97 -37.10 -7.93
N PRO C 371 26.45 -38.17 -7.25
CA PRO C 371 25.70 -38.81 -6.16
C PRO C 371 25.53 -37.90 -4.94
N MET C 372 24.66 -38.28 -4.01
CA MET C 372 24.08 -37.34 -3.06
C MET C 372 23.67 -38.02 -1.76
N ILE C 373 23.25 -37.19 -0.79
CA ILE C 373 22.56 -37.61 0.42
C ILE C 373 21.31 -36.73 0.55
N PHE C 374 20.22 -37.25 1.16
CA PHE C 374 18.92 -36.59 1.02
C PHE C 374 18.23 -36.34 2.36
N SER C 375 17.19 -35.49 2.31
CA SER C 375 16.30 -35.21 3.43
C SER C 375 15.16 -34.25 3.01
N ASP C 380 6.40 -32.09 -1.19
CA ASP C 380 7.27 -33.16 -1.73
C ASP C 380 8.54 -33.25 -0.88
N GLN C 381 9.60 -33.83 -1.45
CA GLN C 381 10.95 -33.80 -0.89
C GLN C 381 11.41 -35.25 -0.72
N PRO C 382 10.83 -36.05 0.22
CA PRO C 382 11.15 -37.47 0.32
C PRO C 382 10.96 -38.20 -1.01
N LEU C 383 10.01 -37.72 -1.82
CA LEU C 383 9.66 -38.37 -3.07
C LEU C 383 10.84 -38.30 -4.04
N ASN C 384 11.42 -37.10 -4.19
CA ASN C 384 12.62 -36.95 -4.98
C ASN C 384 13.73 -37.79 -4.33
N ALA C 385 13.82 -37.72 -3.00
CA ALA C 385 14.81 -38.47 -2.22
C ALA C 385 14.71 -39.96 -2.45
N ARG C 386 13.53 -40.53 -2.22
CA ARG C 386 13.34 -41.97 -2.04
C ARG C 386 13.62 -42.74 -3.33
N TYR C 387 13.12 -42.26 -4.47
CA TYR C 387 13.21 -43.00 -5.73
C TYR C 387 14.60 -42.79 -6.35
N MET C 388 15.23 -41.66 -6.04
CA MET C 388 16.61 -41.42 -6.44
C MET C 388 17.52 -42.45 -5.77
N SER C 389 17.32 -42.66 -4.47
CA SER C 389 18.07 -43.64 -3.70
C SER C 389 17.80 -45.06 -4.19
N ASP C 390 16.57 -45.34 -4.65
CA ASP C 390 16.11 -46.71 -4.86
C ASP C 390 16.17 -47.09 -6.34
N VAL C 391 15.40 -46.39 -7.19
CA VAL C 391 15.20 -46.81 -8.58
C VAL C 391 16.45 -46.49 -9.39
N LEU C 392 16.91 -45.23 -9.28
CA LEU C 392 18.11 -44.78 -9.97
C LEU C 392 19.35 -45.18 -9.17
N LYS C 393 19.23 -45.17 -7.83
CA LYS C 393 20.29 -45.57 -6.93
C LYS C 393 21.52 -44.68 -7.17
N VAL C 394 21.59 -43.57 -6.42
CA VAL C 394 22.66 -42.61 -6.57
C VAL C 394 22.95 -41.94 -5.22
N GLY C 395 23.01 -42.75 -4.15
CA GLY C 395 23.48 -42.26 -2.86
C GLY C 395 22.83 -42.97 -1.68
N VAL C 396 22.22 -42.16 -0.80
CA VAL C 396 21.67 -42.61 0.49
C VAL C 396 20.62 -41.58 0.91
N TYR C 397 19.67 -42.02 1.73
CA TYR C 397 18.73 -41.13 2.40
C TYR C 397 18.98 -41.20 3.90
N LEU C 398 18.77 -40.06 4.58
CA LEU C 398 18.66 -40.04 6.03
C LEU C 398 17.19 -39.86 6.40
N GLU C 399 16.60 -40.92 6.95
CA GLU C 399 15.18 -40.94 7.24
C GLU C 399 14.99 -40.59 8.72
N ASN C 400 15.48 -41.48 9.59
CA ASN C 400 15.41 -41.34 11.03
C ASN C 400 13.94 -41.30 11.47
N VAL C 416 33.75 -42.33 -1.10
CA VAL C 416 35.11 -42.92 -0.90
C VAL C 416 35.01 -44.44 -1.01
N ASP C 417 34.11 -45.05 -0.23
CA ASP C 417 33.93 -46.49 -0.17
C ASP C 417 33.58 -47.04 -1.55
N GLU C 418 33.95 -48.31 -1.78
CA GLU C 418 33.50 -49.06 -2.94
C GLU C 418 32.16 -49.75 -2.61
N GLU C 419 31.76 -49.70 -1.32
CA GLU C 419 30.39 -49.97 -0.92
C GLU C 419 29.50 -48.93 -1.61
N GLY C 420 30.05 -47.73 -1.80
CA GLY C 420 29.53 -46.73 -2.72
C GLY C 420 30.33 -46.70 -4.02
N GLU C 421 30.39 -47.85 -4.72
CA GLU C 421 30.84 -47.91 -6.09
C GLU C 421 29.64 -47.90 -7.03
N TYR C 422 28.59 -48.65 -6.68
CA TYR C 422 27.39 -48.71 -7.51
C TYR C 422 26.78 -47.30 -7.54
N ILE C 423 26.49 -46.75 -6.36
CA ILE C 423 26.03 -45.37 -6.21
C ILE C 423 26.67 -44.47 -7.27
N ARG C 424 28.01 -44.49 -7.31
CA ARG C 424 28.81 -43.53 -8.06
C ARG C 424 29.06 -44.01 -9.49
N GLN C 425 28.40 -45.10 -9.89
CA GLN C 425 28.34 -45.53 -11.28
C GLN C 425 26.98 -45.18 -11.88
N ASN C 426 25.96 -45.11 -11.02
CA ASN C 426 24.58 -44.86 -11.45
C ASN C 426 24.25 -43.38 -11.40
N ALA C 427 25.21 -42.54 -10.99
CA ALA C 427 25.18 -41.12 -11.28
C ALA C 427 26.03 -40.84 -12.52
N ARG C 428 27.06 -41.67 -12.73
CA ARG C 428 27.88 -41.63 -13.93
C ARG C 428 27.05 -42.04 -15.14
N VAL C 429 26.22 -43.07 -14.99
CA VAL C 429 25.40 -43.57 -16.08
C VAL C 429 24.54 -42.43 -16.65
N LEU C 430 23.85 -41.71 -15.75
CA LEU C 430 22.70 -40.90 -16.10
C LEU C 430 23.13 -39.59 -16.78
N LYS C 431 24.40 -39.20 -16.60
CA LYS C 431 24.95 -38.01 -17.23
C LYS C 431 25.10 -38.21 -18.74
N GLN C 432 25.37 -39.44 -19.17
CA GLN C 432 25.70 -39.71 -20.57
C GLN C 432 24.42 -39.81 -21.40
N LYS C 433 23.28 -40.04 -20.73
CA LYS C 433 21.99 -40.15 -21.38
C LYS C 433 21.41 -38.76 -21.65
N ALA C 434 21.53 -37.86 -20.66
CA ALA C 434 21.00 -36.50 -20.75
C ALA C 434 21.51 -35.80 -22.01
N ASP C 435 22.78 -36.02 -22.35
CA ASP C 435 23.45 -35.32 -23.44
C ASP C 435 22.84 -35.71 -24.79
N VAL C 436 22.66 -37.01 -25.00
CA VAL C 436 22.20 -37.57 -26.26
C VAL C 436 20.75 -37.17 -26.51
N SER C 437 20.01 -36.88 -25.43
CA SER C 437 18.67 -36.29 -25.53
C SER C 437 18.69 -35.07 -26.45
N LEU C 438 19.58 -34.12 -26.16
CA LEU C 438 19.59 -32.82 -26.84
C LEU C 438 20.58 -32.82 -28.00
N MET C 439 21.29 -33.92 -28.21
CA MET C 439 21.90 -34.22 -29.50
C MET C 439 20.76 -34.54 -30.48
N LYS C 440 20.89 -34.06 -31.73
CA LYS C 440 19.78 -34.10 -32.68
C LYS C 440 19.28 -35.54 -32.84
N GLY C 441 17.95 -35.67 -33.04
CA GLY C 441 17.30 -36.97 -33.19
C GLY C 441 16.92 -37.57 -31.84
N GLY C 442 17.32 -36.87 -30.76
CA GLY C 442 17.19 -37.39 -29.41
C GLY C 442 15.89 -36.90 -28.79
N SER C 443 15.39 -37.67 -27.82
CA SER C 443 14.18 -37.30 -27.10
C SER C 443 14.05 -35.78 -27.09
N SER C 444 14.91 -35.12 -26.30
CA SER C 444 14.73 -33.74 -25.86
C SER C 444 14.78 -32.77 -27.03
N TYR C 445 15.63 -33.07 -28.00
CA TYR C 445 15.64 -32.32 -29.24
C TYR C 445 14.24 -32.33 -29.87
N GLU C 446 13.47 -33.42 -29.68
CA GLU C 446 12.12 -33.54 -30.22
C GLU C 446 11.13 -32.69 -29.42
N SER C 447 11.11 -32.86 -28.09
CA SER C 447 10.12 -32.22 -27.23
C SER C 447 10.18 -30.69 -27.35
N LEU C 448 11.38 -30.16 -27.60
CA LEU C 448 11.55 -28.72 -27.67
C LEU C 448 11.11 -28.22 -29.04
N GLU C 449 11.43 -28.99 -30.09
CA GLU C 449 11.07 -28.63 -31.45
C GLU C 449 9.55 -28.67 -31.59
N SER C 450 8.91 -29.58 -30.85
CA SER C 450 7.47 -29.75 -30.85
C SER C 450 6.82 -28.65 -30.03
N LEU C 451 7.36 -28.40 -28.84
CA LEU C 451 6.82 -27.39 -27.94
C LEU C 451 6.74 -26.03 -28.65
N VAL C 452 7.80 -25.63 -29.35
CA VAL C 452 7.76 -24.39 -30.12
C VAL C 452 6.60 -24.46 -31.11
N SER C 453 6.48 -25.59 -31.83
CA SER C 453 5.39 -25.85 -32.76
C SER C 453 4.05 -25.85 -32.05
N TYR C 454 4.02 -26.41 -30.84
CA TYR C 454 2.79 -26.36 -30.09
C TYR C 454 2.38 -24.90 -29.91
N ILE C 455 3.18 -24.15 -29.16
CA ILE C 455 2.88 -22.78 -28.81
C ILE C 455 2.69 -21.96 -30.09
N SER C 456 3.61 -22.07 -31.03
CA SER C 456 3.49 -21.36 -32.31
C SER C 456 2.18 -21.72 -32.98
N SER C 457 1.87 -23.03 -33.05
CA SER C 457 0.69 -23.53 -33.73
C SER C 457 -0.45 -23.70 -32.74
N LEU C 458 -1.09 -22.59 -32.35
CA LEU C 458 -2.31 -22.63 -31.55
C LEU C 458 -3.52 -22.36 -32.46
N1 UPG D . -27.53 4.78 -8.65
C2 UPG D . -28.67 4.05 -8.37
N3 UPG D . -28.51 3.03 -7.45
C4 UPG D . -27.35 2.69 -6.80
C5 UPG D . -26.21 3.50 -7.14
C6 UPG D . -26.33 4.49 -8.03
O2 UPG D . -29.76 4.26 -8.88
O4 UPG D . -27.36 1.74 -6.01
C1C UPG D . -27.65 5.91 -9.61
C2C UPG D . -27.70 7.29 -8.95
O2C UPG D . -28.99 7.64 -8.53
C3C UPG D . -27.22 8.19 -10.10
C4C UPG D . -26.22 7.30 -10.83
O4C UPG D . -26.50 5.92 -10.43
O3C UPG D . -28.28 8.63 -10.94
C5C UPG D . -24.77 7.60 -10.54
O5C UPG D . -24.39 8.83 -11.19
PA UPG D . -23.19 9.64 -10.49
O1A UPG D . -23.66 10.06 -9.15
O2A UPG D . -22.72 10.71 -11.41
O3A UPG D . -22.06 8.49 -10.38
PB UPG D . -21.40 7.36 -11.35
O1B UPG D . -22.38 6.69 -12.25
O2B UPG D . -20.55 6.42 -10.56
O3B UPG D . -20.50 8.27 -12.32
C1 IPA E . -45.54 12.61 -29.88
C2 IPA E . -44.97 12.60 -28.49
C3 IPA E . -45.86 13.11 -27.40
O2 IPA E . -43.74 13.35 -28.50
N1 UPG F . 19.32 14.52 18.85
C2 UPG F . 19.66 15.85 18.63
N3 UPG F . 20.42 16.06 17.51
C4 UPG F . 20.86 15.11 16.60
C5 UPG F . 20.47 13.76 16.91
C6 UPG F . 19.72 13.52 17.99
O2 UPG F . 19.33 16.78 19.36
O4 UPG F . 21.53 15.47 15.64
C1C UPG F . 18.47 14.21 20.02
C2C UPG F . 17.04 13.81 19.60
O2C UPG F . 16.17 14.91 19.70
C3C UPG F . 16.65 12.70 20.59
C4C UPG F . 17.99 12.18 21.15
O4C UPG F . 19.03 13.12 20.73
O3C UPG F . 15.78 13.25 21.58
C5C UPG F . 18.39 10.80 20.70
O5C UPG F . 17.51 9.85 21.33
PA UPG F . 16.93 8.59 20.54
O1A UPG F . 16.37 9.06 19.25
O2A UPG F . 16.02 7.84 21.47
O3A UPG F . 18.25 7.71 20.32
PB UPG F . 19.46 7.43 21.34
O1B UPG F . 18.92 7.33 22.73
O2B UPG F . 20.57 8.39 21.07
O3B UPG F . 19.97 5.96 20.92
P PO4 G . 15.26 -26.76 -4.66
O1 PO4 G . 14.04 -26.38 -5.49
O2 PO4 G . 14.78 -27.48 -3.42
O3 PO4 G . 16.18 -27.65 -5.51
O4 PO4 G . 16.02 -25.52 -4.23
#